data_4X63
#
_entry.id   4X63
#
_cell.length_a   102.403
_cell.length_b   138.065
_cell.length_c   178.252
_cell.angle_alpha   90.000
_cell.angle_beta   90.000
_cell.angle_gamma   90.000
#
_symmetry.space_group_name_H-M   'I 2 2 2'
#
loop_
_entity.id
_entity.type
_entity.pdbx_description
1 polymer 'Protein arginine N-methyltransferase 5'
2 polymer 'Methylosome protein 50'
3 non-polymer S-ADENOSYL-L-HOMOCYSTEINE
4 non-polymer N-[(2S)-3-(3,4-dihydroisoquinolin-2(1H)-yl)-2-hydroxypropyl]-6-(oxetan-3-ylamino)pyrimidine-4-carboxamide
5 water water
#
loop_
_entity_poly.entity_id
_entity_poly.type
_entity_poly.pdbx_seq_one_letter_code
_entity_poly.pdbx_strand_id
1 'polypeptide(L)'
;MDYKDDDDKAAMAVGGAGGSRVSSGRDLNCVPEIADTLGAVAKQGFDFLCMPVFHPRFKREFIQEPAKNRPGPQTRSDLL
LSGRDWNTLIVGKLSPWIRPDSKVEKIRRNSEAAMLQELNFGAYLGLPAFLLPLNQEDNTNLARVLTNHIHTGHHSSMFW
MRVPLVAPEDLRDDIIENAPTTHTEEYSGEEKTWMWWHNFRTLCDYSKRIAVALEIGADLPSNHVIDRWLGEPIKAAILP
TSIFLTNKKGFPVLSKMHQRLIFRLLKLEVQFIITGTNHHSEKEFCSYLQYLEYLSQNRPPPNAYELFAKGYEDYLQSPL
QPLMDNLESQTYEVFEKDPIKYSQYQQAIYKCLLDRVPEEEKDTNVQVLMVLGAGRGPLVNASLRAAKQADRRIKLYAVE
KNPNAVVTLENWQFEEWGSQVTVVSSDMREWVAPEKADIIVSELLGSFADNELSPECLDGAQHFLKDDGVSIPGEYTSFL
APISSSKLYNEVRACREKDRDPEAQFEMPYVVRLHNFHQLSAPQPCFTFSHPNRDPMIDNNRYCTLEFPVEVNTVLHGFA
GYFETVLYQDITLSIRPETHSPGMFSWFPILFPIKQPITVREGQTICVRFWRCSNSKKVWYEWAVTAPVCSAIHNPTGRS
YTIGL
;
A
2 'polypeptide(L)'
;MHHHHHHHHRKETPPPLVPPAAREWNLPPNAPACMERQLEAARYRSDGALLLGASSLSGRCWAGSLWLFKDPCAAPNEGF
CSAGVQTEAGVADLTWVGERGILVASDSGAVELWELDENETLIVSKFCKYEHDDIVSTVSVLSSGTQAVSGSKDICIKVW
DLAQQVVLSSYRAHAAQVTCVAASPHKDSVFLSCSEDNRILLWDTRCPKPASQIGCSAPGYLPTSLAWHPQQSEVFVFGD
ENGTVSLVDTKSTSCVLSSAVHSQCVTGLVFSPHSVPFLASLSEDCSLAVLDSSLSELFRSQAHRDFVRDATWSPLNHSL
LTTVGWDHQVVHHVVPTEPLPAPGPASVTE
;
B
#
# COMPACT_ATOMS: atom_id res chain seq x y z
N ARG A 21 -8.62 -15.47 -11.75
CA ARG A 21 -8.46 -15.71 -10.28
C ARG A 21 -7.74 -14.55 -9.60
N VAL A 22 -8.05 -14.35 -8.32
CA VAL A 22 -7.43 -13.30 -7.51
C VAL A 22 -6.59 -13.91 -6.40
N SER A 23 -5.44 -13.30 -6.14
CA SER A 23 -4.63 -13.65 -4.98
C SER A 23 -5.00 -12.70 -3.85
N SER A 24 -5.57 -13.26 -2.78
CA SER A 24 -6.09 -12.44 -1.67
C SER A 24 -6.07 -13.16 -0.34
N GLY A 25 -5.98 -12.38 0.73
CA GLY A 25 -5.86 -12.91 2.09
C GLY A 25 -6.75 -12.22 3.11
N ARG A 26 -6.84 -12.84 4.29
CA ARG A 26 -7.68 -12.33 5.37
C ARG A 26 -6.85 -11.59 6.41
N ASP A 27 -7.28 -10.38 6.76
CA ASP A 27 -6.65 -9.63 7.83
C ASP A 27 -7.38 -9.82 9.15
N LEU A 28 -6.63 -10.17 10.18
CA LEU A 28 -7.18 -10.36 11.52
C LEU A 28 -6.24 -9.76 12.55
N ASN A 29 -6.82 -9.16 13.58
CA ASN A 29 -6.05 -8.65 14.71
C ASN A 29 -6.38 -9.45 15.96
N CYS A 30 -7.05 -10.57 15.75
CA CYS A 30 -7.39 -11.51 16.81
C CYS A 30 -7.26 -12.95 16.33
N VAL A 31 -6.33 -13.70 16.93
CA VAL A 31 -6.13 -15.12 16.62
C VAL A 31 -6.02 -15.93 17.91
N PRO A 32 -7.09 -16.67 18.27
CA PRO A 32 -7.08 -17.50 19.48
C PRO A 32 -6.26 -18.77 19.25
N GLU A 33 -6.72 -19.63 18.35
CA GLU A 33 -6.01 -20.84 18.00
C GLU A 33 -5.48 -20.72 16.58
N ILE A 34 -4.18 -20.48 16.46
CA ILE A 34 -3.50 -20.31 15.18
C ILE A 34 -3.75 -21.49 14.21
N ALA A 35 -3.81 -22.69 14.76
CA ALA A 35 -4.11 -23.91 14.01
C ALA A 35 -5.51 -23.86 13.38
N ASP A 36 -6.52 -23.61 14.20
CA ASP A 36 -7.91 -23.54 13.74
C ASP A 36 -8.13 -22.34 12.82
N THR A 37 -7.63 -21.18 13.26
CA THR A 37 -7.79 -19.92 12.55
C THR A 37 -7.29 -20.00 11.11
N LEU A 38 -6.05 -20.44 10.94
CA LEU A 38 -5.45 -20.56 9.61
C LEU A 38 -6.21 -21.55 8.74
N GLY A 39 -6.71 -22.61 9.35
CA GLY A 39 -7.58 -23.56 8.65
C GLY A 39 -8.88 -22.91 8.23
N ALA A 40 -9.52 -22.23 9.19
CA ALA A 40 -10.80 -21.55 8.97
C ALA A 40 -10.77 -20.57 7.80
N VAL A 41 -9.71 -19.77 7.73
CA VAL A 41 -9.57 -18.78 6.66
C VAL A 41 -9.22 -19.43 5.32
N ALA A 42 -8.46 -20.52 5.37
CA ALA A 42 -8.12 -21.27 4.17
C ALA A 42 -9.35 -21.95 3.60
N LYS A 43 -10.21 -22.44 4.50
CA LYS A 43 -11.49 -23.03 4.13
C LYS A 43 -12.37 -22.02 3.39
N GLN A 44 -12.31 -20.77 3.84
CA GLN A 44 -13.08 -19.68 3.23
C GLN A 44 -12.59 -19.30 1.82
N GLY A 45 -11.40 -19.77 1.45
CA GLY A 45 -10.85 -19.55 0.11
C GLY A 45 -9.78 -18.47 0.03
N PHE A 46 -9.15 -18.17 1.16
CA PHE A 46 -8.09 -17.16 1.22
C PHE A 46 -6.72 -17.77 0.99
N ASP A 47 -5.89 -17.07 0.22
CA ASP A 47 -4.54 -17.54 -0.11
C ASP A 47 -3.56 -17.38 1.04
N PHE A 48 -3.74 -16.32 1.84
CA PHE A 48 -2.86 -16.06 2.99
C PHE A 48 -3.55 -15.37 4.16
N LEU A 49 -2.81 -15.15 5.24
CA LEU A 49 -3.35 -14.58 6.46
C LEU A 49 -2.47 -13.48 7.01
N CYS A 50 -3.09 -12.35 7.36
CA CYS A 50 -2.40 -11.24 8.01
C CYS A 50 -2.76 -11.23 9.48
N MET A 51 -1.78 -11.56 10.32
CA MET A 51 -2.01 -11.72 11.76
C MET A 51 -0.86 -11.13 12.58
N PRO A 52 -1.06 -10.93 13.89
CA PRO A 52 0.05 -10.48 14.73
C PRO A 52 0.96 -11.63 15.19
N VAL A 53 2.24 -11.32 15.39
CA VAL A 53 3.23 -12.29 15.83
C VAL A 53 3.31 -12.36 17.36
N PHE A 54 3.03 -11.24 18.00
CA PHE A 54 2.85 -11.14 19.44
C PHE A 54 1.43 -10.61 19.67
N HIS A 55 0.86 -10.87 20.84
CA HIS A 55 -0.50 -10.39 21.13
C HIS A 55 -0.59 -8.85 21.11
N PRO A 56 -1.52 -8.31 20.30
CA PRO A 56 -1.67 -6.87 20.07
C PRO A 56 -1.78 -6.04 21.33
N ARG A 57 -2.36 -6.61 22.39
CA ARG A 57 -2.56 -5.90 23.66
C ARG A 57 -1.42 -6.13 24.64
N PHE A 58 -0.53 -7.06 24.32
CA PHE A 58 0.53 -7.49 25.24
C PHE A 58 1.74 -6.54 25.21
N LYS A 59 1.57 -5.36 25.81
CA LYS A 59 2.64 -4.36 25.90
C LYS A 59 3.80 -4.91 26.71
N ARG A 60 5.02 -4.73 26.20
CA ARG A 60 6.21 -5.23 26.87
C ARG A 60 7.16 -4.10 27.26
N GLU A 61 7.80 -4.24 28.42
CA GLU A 61 8.74 -3.25 28.93
C GLU A 61 10.17 -3.79 28.84
N PHE A 62 11.07 -2.96 28.33
CA PHE A 62 12.45 -3.37 28.05
C PHE A 62 13.47 -2.71 28.96
N ILE A 63 13.08 -1.62 29.62
CA ILE A 63 14.03 -0.79 30.37
C ILE A 63 13.92 -0.93 31.90
N GLN A 64 12.82 -0.48 32.49
CA GLN A 64 12.73 -0.42 33.95
C GLN A 64 11.97 -1.58 34.59
N GLU A 65 12.54 -2.07 35.70
CA GLU A 65 11.93 -3.11 36.52
C GLU A 65 10.73 -2.55 37.28
N PRO A 66 9.80 -3.42 37.72
CA PRO A 66 9.94 -4.87 37.60
C PRO A 66 9.40 -5.42 36.27
N ALA A 67 8.59 -4.64 35.57
CA ALA A 67 7.97 -5.04 34.31
C ALA A 67 8.96 -5.62 33.29
N LYS A 68 10.20 -5.13 33.34
CA LYS A 68 11.29 -5.61 32.49
C LYS A 68 11.48 -7.12 32.60
N ASN A 69 11.46 -7.62 33.83
CA ASN A 69 11.72 -9.03 34.11
C ASN A 69 10.49 -9.94 34.04
N ARG A 70 9.55 -9.61 33.16
CA ARG A 70 8.39 -10.48 32.96
C ARG A 70 8.84 -11.83 32.43
N PRO A 71 8.50 -12.92 33.16
CA PRO A 71 8.81 -14.28 32.72
C PRO A 71 8.10 -14.63 31.43
N GLY A 72 8.81 -15.34 30.55
CA GLY A 72 8.26 -15.79 29.28
C GLY A 72 7.24 -16.89 29.44
N PRO A 73 6.77 -17.48 28.33
CA PRO A 73 7.18 -17.09 26.97
C PRO A 73 6.60 -15.76 26.53
N GLN A 74 7.28 -15.08 25.60
CA GLN A 74 6.86 -13.77 25.11
C GLN A 74 5.79 -13.86 24.01
N THR A 75 5.76 -14.99 23.31
CA THR A 75 4.71 -15.28 22.34
C THR A 75 4.62 -16.78 22.09
N ARG A 76 3.68 -17.19 21.24
CA ARG A 76 3.52 -18.60 20.89
C ARG A 76 4.66 -19.14 20.03
N SER A 77 4.86 -20.46 20.09
CA SER A 77 6.01 -21.11 19.48
C SER A 77 5.89 -21.29 17.96
N ASP A 78 7.04 -21.19 17.29
CA ASP A 78 7.16 -21.37 15.85
C ASP A 78 6.78 -22.77 15.37
N LEU A 79 6.80 -23.71 16.30
CA LEU A 79 6.48 -25.12 16.02
C LEU A 79 5.03 -25.35 15.61
N LEU A 80 4.15 -24.40 15.94
CA LEU A 80 2.71 -24.55 15.69
C LEU A 80 2.35 -24.63 14.21
N LEU A 81 3.21 -24.13 13.34
CA LEU A 81 3.06 -24.31 11.89
C LEU A 81 4.35 -24.84 11.27
N SER A 82 4.22 -25.48 10.12
CA SER A 82 5.38 -25.93 9.36
C SER A 82 6.05 -24.74 8.71
N GLY A 83 7.37 -24.83 8.52
CA GLY A 83 8.13 -23.80 7.82
C GLY A 83 7.48 -23.45 6.49
N ARG A 84 7.02 -24.47 5.77
CA ARG A 84 6.24 -24.33 4.55
C ARG A 84 5.17 -23.25 4.70
N ASP A 85 4.42 -23.31 5.80
CA ASP A 85 3.31 -22.40 6.06
C ASP A 85 3.78 -20.99 6.41
N TRP A 86 4.78 -20.90 7.28
CA TRP A 86 5.34 -19.61 7.68
C TRP A 86 5.85 -18.83 6.45
N ASN A 87 6.47 -19.56 5.53
CA ASN A 87 7.02 -18.97 4.31
C ASN A 87 5.97 -18.52 3.31
N THR A 88 4.82 -19.19 3.32
CA THR A 88 3.80 -18.95 2.30
C THR A 88 2.53 -18.27 2.80
N LEU A 89 2.04 -18.68 3.97
CA LEU A 89 0.68 -18.34 4.40
C LEU A 89 0.55 -17.17 5.38
N ILE A 90 1.63 -16.82 6.07
CA ILE A 90 1.55 -15.86 7.18
C ILE A 90 2.25 -14.52 6.93
N VAL A 91 1.48 -13.44 7.02
CA VAL A 91 2.01 -12.08 6.95
C VAL A 91 1.90 -11.42 8.32
N GLY A 92 3.05 -11.14 8.93
CA GLY A 92 3.12 -10.56 10.27
C GLY A 92 2.62 -9.14 10.34
N LYS A 93 2.27 -8.69 11.55
CA LYS A 93 1.78 -7.34 11.79
C LYS A 93 2.41 -6.75 13.04
N LEU A 94 3.01 -5.57 12.90
CA LEU A 94 3.59 -4.86 14.04
C LEU A 94 2.52 -4.54 15.08
N SER A 95 2.77 -4.90 16.33
CA SER A 95 1.84 -4.61 17.43
C SER A 95 1.47 -3.12 17.45
N PRO A 96 0.15 -2.83 17.46
CA PRO A 96 -0.38 -1.47 17.30
C PRO A 96 0.07 -0.48 18.37
N TRP A 97 0.51 -0.99 19.51
CA TRP A 97 0.97 -0.13 20.61
C TRP A 97 2.38 0.41 20.38
N ILE A 98 3.14 -0.24 19.49
CA ILE A 98 4.50 0.20 19.16
C ILE A 98 4.46 1.53 18.41
N ARG A 99 4.98 2.56 19.05
CA ARG A 99 4.95 3.91 18.50
C ARG A 99 6.32 4.58 18.60
N PRO A 100 7.19 4.33 17.60
CA PRO A 100 8.57 4.82 17.59
C PRO A 100 8.67 6.34 17.53
N ASP A 101 7.62 6.99 17.06
CA ASP A 101 7.61 8.44 16.90
C ASP A 101 6.76 9.17 17.95
N SER A 102 6.62 8.55 19.12
CA SER A 102 5.89 9.14 20.24
C SER A 102 6.56 10.39 20.77
N LYS A 103 5.79 11.24 21.44
CA LYS A 103 6.33 12.44 22.08
C LYS A 103 7.06 12.06 23.36
N VAL A 104 6.64 10.94 23.96
CA VAL A 104 7.20 10.45 25.21
C VAL A 104 8.46 9.64 24.92
N GLU A 105 9.56 10.01 25.57
CA GLU A 105 10.85 9.33 25.41
C GLU A 105 10.77 7.85 25.77
N LYS A 106 10.15 7.56 26.92
CA LYS A 106 10.04 6.18 27.41
C LYS A 106 9.32 5.27 26.41
N ILE A 107 8.27 5.80 25.78
CA ILE A 107 7.54 5.06 24.77
C ILE A 107 8.38 4.91 23.50
N ARG A 108 9.08 5.98 23.12
CA ARG A 108 9.99 5.96 21.98
C ARG A 108 11.05 4.86 22.12
N ARG A 109 11.72 4.83 23.27
CA ARG A 109 12.79 3.86 23.52
C ARG A 109 12.27 2.43 23.61
N ASN A 110 11.10 2.26 24.19
CA ASN A 110 10.46 0.94 24.27
C ASN A 110 9.97 0.45 22.92
N SER A 111 9.39 1.36 22.14
CA SER A 111 8.90 1.01 20.81
C SER A 111 10.05 0.56 19.91
N GLU A 112 11.17 1.30 19.97
CA GLU A 112 12.38 0.94 19.24
C GLU A 112 12.74 -0.51 19.49
N ALA A 113 12.97 -0.84 20.77
CA ALA A 113 13.30 -2.20 21.18
C ALA A 113 12.21 -3.20 20.77
N ALA A 114 10.95 -2.81 20.96
CA ALA A 114 9.81 -3.66 20.62
C ALA A 114 9.75 -3.94 19.12
N MET A 115 9.96 -2.90 18.33
CA MET A 115 9.92 -3.00 16.87
C MET A 115 11.00 -3.93 16.36
N LEU A 116 12.24 -3.70 16.79
CA LEU A 116 13.36 -4.57 16.44
C LEU A 116 13.00 -6.00 16.79
N GLN A 117 12.56 -6.22 18.03
CA GLN A 117 12.14 -7.53 18.50
C GLN A 117 11.14 -8.19 17.56
N GLU A 118 10.06 -7.48 17.25
CA GLU A 118 8.99 -8.03 16.43
C GLU A 118 9.45 -8.29 14.98
N LEU A 119 10.19 -7.34 14.42
CA LEU A 119 10.75 -7.48 13.08
C LEU A 119 11.72 -8.66 13.00
N ASN A 120 12.55 -8.81 14.03
CA ASN A 120 13.46 -9.95 14.12
C ASN A 120 12.73 -11.28 14.20
N PHE A 121 11.65 -11.32 14.99
CA PHE A 121 10.85 -12.52 15.09
C PHE A 121 10.20 -12.85 13.75
N GLY A 122 9.76 -11.82 13.03
CA GLY A 122 9.20 -11.99 11.70
C GLY A 122 10.20 -12.63 10.77
N ALA A 123 11.42 -12.10 10.79
CA ALA A 123 12.51 -12.60 9.95
C ALA A 123 12.95 -14.01 10.34
N TYR A 124 12.93 -14.26 11.65
CA TYR A 124 13.27 -15.57 12.20
C TYR A 124 12.33 -16.66 11.70
N LEU A 125 11.03 -16.34 11.62
CA LEU A 125 10.02 -17.23 11.09
C LEU A 125 10.14 -17.40 9.58
N GLY A 126 10.72 -16.39 8.92
CA GLY A 126 10.88 -16.38 7.48
C GLY A 126 9.59 -16.05 6.75
N LEU A 127 8.85 -15.11 7.31
CA LEU A 127 7.59 -14.63 6.71
C LEU A 127 7.87 -13.84 5.43
N PRO A 128 7.00 -14.01 4.41
CA PRO A 128 7.25 -13.34 3.14
C PRO A 128 6.99 -11.83 3.20
N ALA A 129 6.16 -11.39 4.14
CA ALA A 129 5.81 -9.98 4.30
C ALA A 129 5.48 -9.62 5.75
N PHE A 130 5.58 -8.33 6.06
CA PHE A 130 5.32 -7.83 7.41
C PHE A 130 4.71 -6.43 7.31
N LEU A 131 3.59 -6.23 8.00
CA LEU A 131 2.84 -4.99 7.89
C LEU A 131 3.25 -3.96 8.93
N LEU A 132 3.34 -2.70 8.48
CA LEU A 132 3.66 -1.57 9.35
C LEU A 132 2.79 -0.38 8.98
N PRO A 133 2.28 0.35 9.98
CA PRO A 133 1.32 1.42 9.70
C PRO A 133 1.92 2.80 9.46
N LEU A 134 1.46 3.46 8.40
CA LEU A 134 1.67 4.89 8.23
C LEU A 134 0.32 5.55 8.50
N ASN A 135 0.13 6.04 9.73
CA ASN A 135 -1.15 6.63 10.12
C ASN A 135 -1.04 8.06 10.67
N GLN A 136 0.17 8.62 10.62
CA GLN A 136 0.40 10.00 11.04
C GLN A 136 1.43 10.67 10.13
N GLU A 137 1.67 11.96 10.33
CA GLU A 137 2.63 12.68 9.49
C GLU A 137 4.07 12.26 9.78
N ASP A 138 4.43 12.18 11.05
CA ASP A 138 5.82 11.89 11.42
C ASP A 138 6.10 10.40 11.62
N ASN A 139 6.91 9.85 10.71
CA ASN A 139 7.37 8.48 10.84
C ASN A 139 8.90 8.35 10.71
N THR A 140 9.58 9.43 11.06
CA THR A 140 11.04 9.52 10.98
C THR A 140 11.73 8.40 11.75
N ASN A 141 11.40 8.26 13.03
CA ASN A 141 12.01 7.24 13.87
C ASN A 141 11.60 5.82 13.47
N LEU A 142 10.34 5.67 13.03
CA LEU A 142 9.85 4.39 12.52
C LEU A 142 10.66 3.94 11.31
N ALA A 143 11.03 4.90 10.44
CA ALA A 143 11.87 4.62 9.29
C ALA A 143 13.26 4.17 9.72
N ARG A 144 13.92 4.95 10.58
CA ARG A 144 15.28 4.64 11.00
C ARG A 144 15.40 3.21 11.50
N VAL A 145 14.50 2.83 12.40
CA VAL A 145 14.51 1.51 12.99
C VAL A 145 14.37 0.43 11.91
N LEU A 146 13.38 0.57 11.03
CA LEU A 146 13.20 -0.36 9.92
C LEU A 146 14.45 -0.42 9.05
N THR A 147 14.99 0.76 8.71
CA THR A 147 16.20 0.85 7.88
C THR A 147 17.35 0.10 8.55
N ASN A 148 17.56 0.36 9.84
CA ASN A 148 18.59 -0.33 10.62
C ASN A 148 18.37 -1.84 10.62
N HIS A 149 17.11 -2.27 10.71
CA HIS A 149 16.76 -3.68 10.65
C HIS A 149 17.06 -4.28 9.29
N ILE A 150 16.77 -3.52 8.23
CA ILE A 150 17.01 -3.97 6.86
C ILE A 150 18.50 -4.25 6.61
N HIS A 151 19.37 -3.44 7.20
CA HIS A 151 20.81 -3.60 7.05
C HIS A 151 21.45 -4.42 8.16
N THR A 152 20.66 -5.24 8.84
CA THR A 152 21.18 -6.16 9.86
C THR A 152 20.69 -7.58 9.55
N GLY A 153 21.65 -8.48 9.35
CA GLY A 153 21.36 -9.84 8.91
C GLY A 153 21.10 -9.90 7.43
N HIS A 154 20.93 -11.11 6.90
CA HIS A 154 20.64 -11.31 5.48
C HIS A 154 19.34 -12.09 5.30
N HIS A 155 18.32 -11.37 4.84
CA HIS A 155 16.98 -11.93 4.68
C HIS A 155 16.29 -11.34 3.44
N SER A 156 15.23 -11.98 3.00
CA SER A 156 14.53 -11.56 1.78
C SER A 156 13.09 -11.09 2.06
N SER A 157 12.82 -10.75 3.31
CA SER A 157 11.48 -10.34 3.73
C SER A 157 11.04 -9.02 3.09
N MET A 158 9.77 -8.95 2.72
CA MET A 158 9.16 -7.72 2.21
C MET A 158 8.45 -6.98 3.34
N PHE A 159 8.28 -5.68 3.16
CA PHE A 159 7.56 -4.87 4.15
C PHE A 159 6.46 -4.05 3.50
N TRP A 160 5.24 -4.25 3.97
CA TRP A 160 4.10 -3.53 3.45
C TRP A 160 3.72 -2.40 4.38
N MET A 161 3.74 -1.18 3.85
CA MET A 161 3.31 -0.01 4.60
C MET A 161 1.80 0.19 4.44
N ARG A 162 1.10 0.11 5.56
CA ARG A 162 -0.34 0.34 5.59
C ARG A 162 -0.59 1.85 5.61
N VAL A 163 -1.01 2.36 4.46
CA VAL A 163 -1.31 3.77 4.31
C VAL A 163 -2.66 3.91 3.61
N PRO A 164 -3.57 4.72 4.17
CA PRO A 164 -4.94 4.83 3.62
C PRO A 164 -5.06 5.87 2.51
N LEU A 165 -6.05 5.69 1.65
CA LEU A 165 -6.34 6.68 0.60
C LEU A 165 -6.63 8.04 1.22
N VAL A 166 -7.52 8.05 2.22
CA VAL A 166 -7.87 9.24 2.97
C VAL A 166 -7.44 9.08 4.43
N ALA A 167 -6.79 10.11 4.96
CA ALA A 167 -6.37 10.11 6.37
C ALA A 167 -7.60 9.98 7.27
N PRO A 168 -7.48 9.19 8.35
CA PRO A 168 -8.62 8.97 9.26
C PRO A 168 -9.20 10.28 9.81
N GLU A 169 -8.36 11.31 9.91
CA GLU A 169 -8.76 12.64 10.34
C GLU A 169 -9.70 13.32 9.32
N ASP A 170 -9.49 13.00 8.04
CA ASP A 170 -10.28 13.60 6.96
C ASP A 170 -11.47 12.72 6.57
N LEU A 171 -11.84 11.79 7.45
CA LEU A 171 -12.96 10.88 7.21
C LEU A 171 -14.00 10.99 8.31
N ARG A 172 -13.59 11.49 9.46
CA ARG A 172 -14.45 11.58 10.63
C ARG A 172 -15.79 12.24 10.32
N ASP A 173 -16.86 11.68 10.88
CA ASP A 173 -18.19 12.28 10.83
C ASP A 173 -18.12 13.65 11.49
N ASP A 174 -18.72 14.65 10.84
CA ASP A 174 -18.70 16.00 11.38
C ASP A 174 -19.69 16.11 12.54
N ILE A 175 -19.26 15.60 13.69
CA ILE A 175 -20.13 15.50 14.86
C ILE A 175 -19.49 16.11 16.12
N ILE A 176 -18.32 16.71 15.95
CA ILE A 176 -17.75 17.51 17.04
C ILE A 176 -18.29 18.94 16.91
N GLU A 177 -19.10 19.33 17.90
CA GLU A 177 -19.80 20.62 17.91
C GLU A 177 -18.85 21.80 17.69
N ASN A 178 -17.73 21.79 18.41
CA ASN A 178 -16.79 22.91 18.39
C ASN A 178 -15.52 22.67 17.56
N ALA A 179 -15.49 21.57 16.82
CA ALA A 179 -14.42 21.33 15.85
C ALA A 179 -15.01 20.73 14.57
N PRO A 180 -15.53 21.60 13.68
CA PRO A 180 -16.15 21.12 12.46
C PRO A 180 -15.12 20.72 11.41
N THR A 181 -15.49 19.78 10.55
CA THR A 181 -14.66 19.42 9.40
C THR A 181 -14.72 20.57 8.41
N THR A 182 -13.58 21.24 8.21
CA THR A 182 -13.51 22.41 7.31
C THR A 182 -14.00 22.04 5.92
N HIS A 183 -15.12 22.62 5.53
CA HIS A 183 -15.88 22.23 4.34
C HIS A 183 -15.21 22.66 3.03
N THR A 184 -14.28 23.61 3.13
CA THR A 184 -13.50 24.08 1.98
C THR A 184 -12.56 23.00 1.46
N GLU A 185 -12.24 23.04 0.16
CA GLU A 185 -11.31 22.08 -0.43
C GLU A 185 -9.87 22.55 -0.35
N GLU A 186 -8.95 21.60 -0.23
CA GLU A 186 -7.52 21.87 -0.30
C GLU A 186 -6.85 20.79 -1.16
N TYR A 187 -6.32 21.22 -2.31
CA TYR A 187 -5.74 20.31 -3.29
C TYR A 187 -4.59 19.49 -2.71
N SER A 188 -3.64 20.19 -2.10
CA SER A 188 -2.49 19.56 -1.44
C SER A 188 -2.88 18.85 -0.16
N GLY A 189 -3.74 19.50 0.63
CA GLY A 189 -4.20 18.95 1.91
C GLY A 189 -4.80 17.56 1.79
N GLU A 190 -5.57 17.33 0.73
CA GLU A 190 -6.24 16.05 0.50
C GLU A 190 -5.32 14.99 -0.09
N GLU A 191 -4.08 15.38 -0.39
CA GLU A 191 -3.05 14.48 -0.89
C GLU A 191 -2.03 14.09 0.18
N LYS A 192 -2.26 14.55 1.41
CA LYS A 192 -1.30 14.39 2.51
C LYS A 192 -0.88 12.94 2.78
N THR A 193 -1.74 12.01 2.43
CA THR A 193 -1.50 10.59 2.65
C THR A 193 -0.35 10.03 1.79
N TRP A 194 -0.23 10.56 0.57
CA TRP A 194 0.88 10.22 -0.33
C TRP A 194 2.19 10.78 0.19
N MET A 195 2.14 12.02 0.71
N MET A 195 2.13 12.03 0.70
CA MET A 195 3.33 12.68 1.23
CA MET A 195 3.29 12.72 1.26
C MET A 195 3.91 11.96 2.44
C MET A 195 3.91 11.97 2.44
N TRP A 196 3.06 11.23 3.17
CA TRP A 196 3.50 10.39 4.27
C TRP A 196 4.38 9.26 3.73
N TRP A 197 3.88 8.59 2.70
CA TRP A 197 4.59 7.49 2.06
C TRP A 197 5.87 7.97 1.41
N HIS A 198 5.80 9.13 0.77
CA HIS A 198 6.95 9.70 0.07
C HIS A 198 8.10 10.02 1.01
N ASN A 199 7.79 10.71 2.11
CA ASN A 199 8.77 10.99 3.14
C ASN A 199 9.37 9.70 3.69
N PHE A 200 8.51 8.72 3.96
CA PHE A 200 8.97 7.46 4.55
C PHE A 200 9.89 6.68 3.60
N ARG A 201 9.50 6.58 2.34
CA ARG A 201 10.27 5.82 1.38
C ARG A 201 11.60 6.51 1.05
N THR A 202 11.61 7.85 1.09
CA THR A 202 12.81 8.63 0.81
C THR A 202 13.83 8.46 1.93
N LEU A 203 13.35 8.47 3.17
CA LEU A 203 14.20 8.25 4.34
C LEU A 203 14.85 6.87 4.28
N CYS A 204 14.12 5.90 3.75
CA CYS A 204 14.60 4.53 3.63
C CYS A 204 15.40 4.32 2.34
N ASP A 205 15.65 5.42 1.63
CA ASP A 205 16.51 5.44 0.45
C ASP A 205 16.02 4.49 -0.64
N TYR A 206 14.71 4.46 -0.85
CA TYR A 206 14.07 3.69 -1.93
C TYR A 206 14.40 2.20 -1.91
N SER A 207 14.32 1.59 -0.73
CA SER A 207 14.53 0.15 -0.59
C SER A 207 13.51 -0.62 -1.41
N LYS A 208 13.99 -1.62 -2.16
CA LYS A 208 13.12 -2.47 -2.97
C LYS A 208 12.24 -3.36 -2.10
N ARG A 209 12.62 -3.50 -0.83
CA ARG A 209 11.89 -4.33 0.11
C ARG A 209 10.82 -3.58 0.91
N ILE A 210 10.54 -2.34 0.52
CA ILE A 210 9.48 -1.54 1.14
C ILE A 210 8.41 -1.18 0.11
N ALA A 211 7.21 -1.71 0.31
CA ALA A 211 6.10 -1.52 -0.63
C ALA A 211 4.88 -0.94 0.08
N VAL A 212 3.80 -0.76 -0.69
CA VAL A 212 2.57 -0.16 -0.17
C VAL A 212 1.43 -1.16 -0.12
N ALA A 213 0.79 -1.24 1.04
CA ALA A 213 -0.52 -1.86 1.19
C ALA A 213 -1.53 -0.74 1.35
N LEU A 214 -2.21 -0.40 0.27
CA LEU A 214 -3.07 0.78 0.21
C LEU A 214 -4.44 0.50 0.81
N GLU A 215 -4.76 1.18 1.92
CA GLU A 215 -6.09 1.06 2.53
C GLU A 215 -7.10 1.94 1.81
N ILE A 216 -8.27 1.36 1.55
CA ILE A 216 -9.33 2.04 0.81
C ILE A 216 -10.50 2.35 1.74
N GLY A 217 -10.83 3.63 1.87
CA GLY A 217 -11.96 4.06 2.70
C GLY A 217 -13.31 3.84 2.03
N ALA A 218 -14.37 4.12 2.79
CA ALA A 218 -15.74 4.00 2.28
C ALA A 218 -16.03 5.06 1.22
N ASP A 219 -15.58 6.28 1.49
CA ASP A 219 -15.70 7.38 0.53
C ASP A 219 -14.39 7.61 -0.21
N LEU A 220 -14.39 7.33 -1.50
CA LEU A 220 -13.24 7.61 -2.35
C LEU A 220 -13.06 9.12 -2.44
N PRO A 221 -11.79 9.58 -2.36
CA PRO A 221 -11.51 11.00 -2.51
C PRO A 221 -11.52 11.40 -3.99
N SER A 222 -11.25 12.68 -4.26
CA SER A 222 -11.20 13.18 -5.64
C SER A 222 -10.22 12.36 -6.51
N ASN A 223 -10.46 12.38 -7.81
CA ASN A 223 -9.70 11.56 -8.75
C ASN A 223 -8.19 11.81 -8.74
N HIS A 224 -7.79 13.04 -8.45
CA HIS A 224 -6.37 13.43 -8.48
C HIS A 224 -5.53 12.75 -7.39
N VAL A 225 -6.07 12.69 -6.18
CA VAL A 225 -5.35 12.10 -5.04
C VAL A 225 -5.27 10.57 -5.16
N ILE A 226 -6.26 9.98 -5.83
CA ILE A 226 -6.21 8.55 -6.18
C ILE A 226 -5.08 8.30 -7.16
N ASP A 227 -4.91 9.23 -8.09
CA ASP A 227 -3.96 9.09 -9.20
C ASP A 227 -2.48 9.17 -8.81
N ARG A 228 -2.18 9.90 -7.75
CA ARG A 228 -0.79 10.06 -7.28
C ARG A 228 -0.12 8.73 -6.96
N TRP A 229 -0.95 7.74 -6.63
CA TRP A 229 -0.48 6.40 -6.32
C TRP A 229 -0.06 5.60 -7.56
N LEU A 230 -0.24 6.20 -8.73
CA LEU A 230 0.32 5.65 -9.95
C LEU A 230 1.85 5.68 -9.91
N GLY A 231 2.47 4.59 -10.34
CA GLY A 231 3.92 4.47 -10.34
C GLY A 231 4.47 3.97 -9.02
N GLU A 232 3.65 4.01 -7.98
CA GLU A 232 4.05 3.54 -6.65
C GLU A 232 4.05 2.01 -6.59
N PRO A 233 5.03 1.43 -5.86
CA PRO A 233 5.10 -0.01 -5.68
C PRO A 233 4.00 -0.53 -4.75
N ILE A 234 2.79 -0.55 -5.27
CA ILE A 234 1.65 -1.08 -4.53
C ILE A 234 1.67 -2.60 -4.67
N LYS A 235 1.85 -3.30 -3.56
CA LYS A 235 1.84 -4.75 -3.56
C LYS A 235 0.49 -5.29 -3.10
N ALA A 236 -0.20 -4.53 -2.26
CA ALA A 236 -1.47 -4.95 -1.70
C ALA A 236 -2.47 -3.82 -1.61
N ALA A 237 -3.75 -4.17 -1.71
CA ALA A 237 -4.85 -3.23 -1.48
C ALA A 237 -5.72 -3.77 -0.35
N ILE A 238 -6.00 -2.91 0.63
CA ILE A 238 -6.78 -3.33 1.79
C ILE A 238 -8.21 -2.80 1.71
N LEU A 239 -9.17 -3.73 1.78
CA LEU A 239 -10.59 -3.40 1.72
C LEU A 239 -11.29 -3.75 3.04
N PRO A 240 -11.69 -2.74 3.81
CA PRO A 240 -12.54 -2.99 4.98
C PRO A 240 -13.89 -3.53 4.53
N THR A 241 -14.43 -4.47 5.30
CA THR A 241 -15.73 -5.08 5.02
C THR A 241 -16.84 -4.03 4.94
N SER A 242 -16.71 -2.99 5.77
CA SER A 242 -17.71 -1.93 5.88
C SER A 242 -17.97 -1.16 4.58
N ILE A 243 -16.94 -1.03 3.74
CA ILE A 243 -17.04 -0.25 2.49
C ILE A 243 -17.94 -0.90 1.45
N PHE A 244 -18.32 -2.16 1.70
CA PHE A 244 -19.17 -2.92 0.79
C PHE A 244 -20.65 -2.61 0.99
N LEU A 245 -21.28 -2.11 -0.05
CA LEU A 245 -22.72 -1.90 -0.07
C LEU A 245 -23.43 -3.25 -0.16
N THR A 246 -24.65 -3.32 0.35
CA THR A 246 -25.48 -4.52 0.20
C THR A 246 -26.62 -4.27 -0.80
N ASN A 247 -26.91 -5.29 -1.61
CA ASN A 247 -27.86 -5.15 -2.72
C ASN A 247 -29.29 -5.58 -2.39
N LYS A 248 -30.07 -5.88 -3.43
CA LYS A 248 -31.48 -6.26 -3.32
C LYS A 248 -31.71 -7.60 -2.60
N LYS A 249 -30.71 -8.48 -2.64
CA LYS A 249 -30.83 -9.81 -2.03
C LYS A 249 -29.78 -10.09 -0.95
N GLY A 250 -29.44 -9.06 -0.19
CA GLY A 250 -28.55 -9.19 0.97
C GLY A 250 -27.14 -9.66 0.70
N PHE A 251 -26.56 -9.21 -0.41
CA PHE A 251 -25.22 -9.61 -0.83
C PHE A 251 -24.25 -8.43 -0.82
N PRO A 252 -23.00 -8.65 -0.38
CA PRO A 252 -21.99 -7.60 -0.42
C PRO A 252 -21.53 -7.31 -1.84
N VAL A 253 -21.56 -6.02 -2.22
CA VAL A 253 -21.09 -5.55 -3.52
C VAL A 253 -20.27 -4.26 -3.33
N LEU A 254 -19.97 -3.58 -4.44
CA LEU A 254 -19.27 -2.29 -4.39
C LEU A 254 -19.87 -1.32 -5.40
N SER A 255 -19.60 -0.03 -5.22
CA SER A 255 -20.08 1.01 -6.12
C SER A 255 -19.42 0.94 -7.49
N LYS A 256 -19.81 1.85 -8.38
CA LYS A 256 -19.22 1.93 -9.72
C LYS A 256 -17.81 2.54 -9.67
N MET A 257 -17.63 3.56 -8.85
CA MET A 257 -16.33 4.22 -8.69
C MET A 257 -15.33 3.34 -7.94
N HIS A 258 -15.84 2.52 -7.01
CA HIS A 258 -15.00 1.53 -6.32
C HIS A 258 -14.58 0.42 -7.28
N GLN A 259 -15.48 0.03 -8.17
CA GLN A 259 -15.18 -0.95 -9.21
C GLN A 259 -14.06 -0.45 -10.11
N ARG A 260 -14.17 0.81 -10.54
CA ARG A 260 -13.12 1.46 -11.35
C ARG A 260 -11.73 1.25 -10.75
N LEU A 261 -11.58 1.58 -9.47
CA LEU A 261 -10.32 1.43 -8.76
C LEU A 261 -9.86 -0.02 -8.72
N ILE A 262 -10.81 -0.94 -8.47
CA ILE A 262 -10.50 -2.37 -8.44
C ILE A 262 -9.95 -2.84 -9.77
N PHE A 263 -10.60 -2.43 -10.86
CA PHE A 263 -10.15 -2.77 -12.21
C PHE A 263 -8.76 -2.19 -12.52
N ARG A 264 -8.54 -0.95 -12.09
CA ARG A 264 -7.22 -0.34 -12.20
C ARG A 264 -6.19 -1.15 -11.42
N LEU A 265 -6.59 -1.62 -10.23
CA LEU A 265 -5.69 -2.37 -9.36
C LEU A 265 -5.41 -3.79 -9.85
N LEU A 266 -6.36 -4.38 -10.56
CA LEU A 266 -6.21 -5.72 -11.11
C LEU A 266 -5.16 -5.75 -12.21
N LYS A 267 -5.15 -4.70 -13.04
CA LYS A 267 -4.15 -4.54 -14.10
C LYS A 267 -2.76 -4.42 -13.50
N LEU A 268 -2.69 -3.82 -12.31
CA LEU A 268 -1.43 -3.66 -11.60
C LEU A 268 -1.06 -4.91 -10.79
N GLU A 269 -1.92 -5.93 -10.87
CA GLU A 269 -1.69 -7.23 -10.23
C GLU A 269 -1.22 -7.14 -8.78
N VAL A 270 -2.01 -6.47 -7.94
CA VAL A 270 -1.76 -6.43 -6.51
C VAL A 270 -2.48 -7.57 -5.82
N GLN A 271 -2.08 -7.88 -4.58
CA GLN A 271 -2.84 -8.81 -3.75
C GLN A 271 -3.91 -8.03 -3.00
N PHE A 272 -5.03 -8.68 -2.73
CA PHE A 272 -6.12 -8.04 -2.01
C PHE A 272 -6.21 -8.53 -0.57
N ILE A 273 -6.58 -7.62 0.33
CA ILE A 273 -6.64 -7.93 1.75
C ILE A 273 -7.98 -7.47 2.31
N ILE A 274 -8.76 -8.43 2.80
CA ILE A 274 -10.03 -8.15 3.45
C ILE A 274 -9.81 -8.00 4.95
N THR A 275 -10.22 -6.84 5.48
CA THR A 275 -10.08 -6.54 6.91
C THR A 275 -11.44 -6.28 7.56
N GLY A 276 -11.55 -6.62 8.84
CA GLY A 276 -12.77 -6.38 9.61
C GLY A 276 -13.77 -7.53 9.58
N THR A 277 -14.73 -7.48 10.51
CA THR A 277 -15.74 -8.54 10.67
C THR A 277 -16.83 -8.46 9.60
N ASN A 278 -17.54 -9.58 9.41
CA ASN A 278 -18.67 -9.63 8.49
C ASN A 278 -19.83 -8.79 8.98
N HIS A 279 -20.23 -7.80 8.19
CA HIS A 279 -21.37 -6.95 8.53
C HIS A 279 -22.62 -7.33 7.74
N HIS A 280 -22.47 -8.31 6.85
CA HIS A 280 -23.60 -8.97 6.20
C HIS A 280 -23.65 -10.39 6.73
N SER A 281 -24.07 -10.53 7.99
CA SER A 281 -24.00 -11.77 8.75
C SER A 281 -24.85 -12.92 8.18
N GLU A 282 -25.96 -12.55 7.55
CA GLU A 282 -26.93 -13.53 7.01
C GLU A 282 -26.36 -14.45 5.93
N LYS A 283 -25.34 -13.96 5.21
CA LYS A 283 -24.60 -14.80 4.27
C LYS A 283 -23.18 -15.07 4.77
N GLU A 284 -22.55 -16.10 4.21
CA GLU A 284 -21.19 -16.52 4.59
C GLU A 284 -20.12 -15.45 4.30
N PHE A 285 -18.90 -15.68 4.80
CA PHE A 285 -17.82 -14.71 4.67
C PHE A 285 -17.17 -14.68 3.29
N CYS A 286 -17.13 -15.83 2.62
CA CYS A 286 -16.56 -15.91 1.28
C CYS A 286 -17.36 -15.12 0.23
N SER A 287 -18.40 -14.43 0.69
CA SER A 287 -19.24 -13.58 -0.15
C SER A 287 -18.49 -12.34 -0.65
N TYR A 288 -17.74 -11.69 0.25
CA TYR A 288 -16.86 -10.58 -0.12
C TYR A 288 -15.87 -11.04 -1.17
N LEU A 289 -15.33 -12.24 -0.96
CA LEU A 289 -14.36 -12.85 -1.85
C LEU A 289 -14.96 -13.21 -3.21
N GLN A 290 -16.15 -13.80 -3.18
CA GLN A 290 -16.88 -14.19 -4.40
C GLN A 290 -17.04 -13.02 -5.36
N TYR A 291 -17.41 -11.86 -4.80
CA TYR A 291 -17.63 -10.65 -5.58
C TYR A 291 -16.34 -10.15 -6.22
N LEU A 292 -15.23 -10.23 -5.47
CA LEU A 292 -13.92 -9.86 -5.99
C LEU A 292 -13.49 -10.75 -7.16
N GLU A 293 -13.70 -12.05 -7.01
CA GLU A 293 -13.45 -13.01 -8.08
C GLU A 293 -14.35 -12.68 -9.28
N TYR A 294 -15.62 -12.41 -9.01
CA TYR A 294 -16.61 -12.03 -10.01
C TYR A 294 -16.18 -10.79 -10.81
N LEU A 295 -15.60 -9.81 -10.12
CA LEU A 295 -15.06 -8.61 -10.75
C LEU A 295 -13.85 -8.90 -11.62
N SER A 296 -13.02 -9.85 -11.16
CA SER A 296 -11.84 -10.30 -11.91
C SER A 296 -12.25 -11.13 -13.13
N GLN A 297 -13.34 -11.88 -12.99
CA GLN A 297 -13.88 -12.67 -14.09
C GLN A 297 -14.42 -11.77 -15.21
N ASN A 298 -15.07 -10.68 -14.82
CA ASN A 298 -15.74 -9.78 -15.76
C ASN A 298 -14.83 -8.79 -16.48
N ARG A 299 -13.59 -8.65 -16.00
CA ARG A 299 -12.66 -7.66 -16.56
C ARG A 299 -12.57 -7.73 -18.08
N PRO A 300 -12.58 -6.56 -18.75
CA PRO A 300 -12.40 -6.55 -20.20
C PRO A 300 -11.18 -7.37 -20.60
N PRO A 301 -11.37 -8.46 -21.38
CA PRO A 301 -10.33 -9.44 -21.72
C PRO A 301 -9.12 -8.83 -22.43
N PRO A 302 -7.95 -9.48 -22.32
CA PRO A 302 -6.72 -8.94 -22.94
C PRO A 302 -6.81 -8.85 -24.47
N ASN A 303 -6.43 -7.70 -25.01
CA ASN A 303 -6.40 -7.49 -26.46
C ASN A 303 -5.24 -8.23 -27.14
N ALA A 304 -5.11 -8.05 -28.44
CA ALA A 304 -4.05 -8.68 -29.23
C ALA A 304 -2.66 -8.27 -28.75
N TYR A 305 -2.52 -7.00 -28.37
CA TYR A 305 -1.25 -6.45 -27.87
C TYR A 305 -0.86 -7.05 -26.50
N GLU A 306 -1.83 -7.08 -25.59
CA GLU A 306 -1.59 -7.49 -24.19
C GLU A 306 -1.31 -8.98 -24.01
N LEU A 307 -1.77 -9.79 -24.97
CA LEU A 307 -1.48 -11.23 -24.98
C LEU A 307 -0.05 -11.51 -25.42
N PHE A 308 0.63 -10.49 -25.92
CA PHE A 308 2.04 -10.61 -26.33
C PHE A 308 3.00 -9.96 -25.33
N ALA A 309 2.54 -8.88 -24.70
CA ALA A 309 3.37 -8.10 -23.77
C ALA A 309 3.26 -8.60 -22.33
N LYS A 310 2.68 -9.80 -22.15
CA LYS A 310 2.30 -10.30 -20.83
C LYS A 310 3.44 -10.30 -19.80
N GLY A 311 4.52 -11.01 -20.10
CA GLY A 311 5.65 -11.12 -19.18
C GLY A 311 6.62 -9.95 -19.17
N TYR A 312 6.47 -9.04 -20.12
CA TYR A 312 7.46 -7.97 -20.34
C TYR A 312 7.21 -6.69 -19.55
N GLU A 313 6.16 -6.69 -18.74
CA GLU A 313 5.73 -5.48 -18.02
C GLU A 313 6.78 -4.96 -17.06
N ASP A 314 7.09 -3.67 -17.17
CA ASP A 314 8.11 -2.99 -16.35
C ASP A 314 9.47 -3.70 -16.30
N TYR A 315 9.74 -4.52 -17.32
CA TYR A 315 11.00 -5.23 -17.44
C TYR A 315 11.95 -4.43 -18.33
N LEU A 316 13.05 -3.99 -17.74
CA LEU A 316 14.06 -3.19 -18.46
C LEU A 316 14.92 -4.03 -19.37
N GLN A 317 15.14 -3.52 -20.58
CA GLN A 317 16.01 -4.16 -21.57
C GLN A 317 17.01 -3.17 -22.13
N SER A 318 18.18 -3.67 -22.52
CA SER A 318 19.15 -2.87 -23.26
C SER A 318 18.62 -2.61 -24.66
N PRO A 319 18.91 -1.41 -25.21
CA PRO A 319 18.51 -1.13 -26.59
C PRO A 319 19.33 -1.97 -27.59
N LEU A 320 18.69 -2.38 -28.68
CA LEU A 320 19.36 -3.15 -29.72
C LEU A 320 20.30 -2.28 -30.55
N GLN A 321 21.40 -2.86 -30.98
CA GLN A 321 22.40 -2.18 -31.81
C GLN A 321 22.71 -3.05 -33.03
N PRO A 322 21.78 -3.08 -34.02
CA PRO A 322 21.90 -4.01 -35.15
C PRO A 322 22.99 -3.63 -36.16
N LEU A 323 23.68 -2.53 -35.91
CA LEU A 323 24.85 -2.18 -36.70
C LEU A 323 26.08 -2.97 -36.26
N MET A 324 26.50 -2.75 -35.02
CA MET A 324 27.75 -3.35 -34.52
C MET A 324 27.56 -4.81 -34.09
N ASP A 325 26.30 -5.21 -33.93
CA ASP A 325 25.97 -6.59 -33.56
C ASP A 325 25.07 -7.22 -34.60
N ASN A 326 25.23 -8.53 -34.79
CA ASN A 326 24.33 -9.29 -35.63
C ASN A 326 23.20 -9.87 -34.78
N LEU A 327 21.97 -9.78 -35.28
CA LEU A 327 20.81 -10.27 -34.54
C LEU A 327 20.67 -11.78 -34.60
N GLU A 328 20.33 -12.37 -33.45
CA GLU A 328 20.16 -13.82 -33.33
C GLU A 328 18.95 -14.30 -34.12
N SER A 329 18.96 -15.58 -34.49
CA SER A 329 17.90 -16.16 -35.33
C SER A 329 16.51 -15.96 -34.76
N GLN A 330 16.33 -16.34 -33.50
CA GLN A 330 15.03 -16.28 -32.83
C GLN A 330 14.49 -14.86 -32.68
N THR A 331 15.40 -13.89 -32.57
CA THR A 331 15.04 -12.48 -32.52
C THR A 331 14.22 -12.12 -33.76
N TYR A 332 14.80 -12.38 -34.94
CA TYR A 332 14.11 -12.19 -36.21
C TYR A 332 12.75 -12.87 -36.19
N GLU A 333 12.77 -14.18 -35.91
CA GLU A 333 11.58 -15.02 -35.92
C GLU A 333 10.41 -14.43 -35.15
N VAL A 334 10.68 -13.95 -33.94
CA VAL A 334 9.65 -13.39 -33.06
C VAL A 334 9.06 -12.10 -33.63
N PHE A 335 9.92 -11.20 -34.08
CA PHE A 335 9.47 -9.93 -34.64
C PHE A 335 8.87 -10.05 -36.03
N GLU A 336 9.09 -11.19 -36.67
CA GLU A 336 8.48 -11.50 -37.97
C GLU A 336 7.02 -11.92 -37.85
N LYS A 337 6.59 -12.18 -36.62
CA LYS A 337 5.23 -12.63 -36.34
C LYS A 337 4.25 -11.48 -36.12
N ASP A 338 4.66 -10.26 -36.46
CA ASP A 338 3.80 -9.09 -36.31
C ASP A 338 2.68 -9.08 -37.35
N PRO A 339 1.42 -9.00 -36.90
CA PRO A 339 0.27 -9.13 -37.78
C PRO A 339 -0.01 -7.89 -38.60
N ILE A 340 0.68 -6.79 -38.30
CA ILE A 340 0.34 -5.48 -38.86
C ILE A 340 1.49 -4.84 -39.65
N LYS A 341 2.70 -4.89 -39.11
CA LYS A 341 3.86 -4.20 -39.69
C LYS A 341 4.11 -4.55 -41.15
N TYR A 342 4.07 -5.84 -41.46
CA TYR A 342 4.33 -6.32 -42.81
C TYR A 342 3.12 -6.09 -43.72
N SER A 343 1.93 -6.20 -43.15
CA SER A 343 0.68 -5.87 -43.86
C SER A 343 0.67 -4.40 -44.25
N GLN A 344 1.14 -3.55 -43.35
CA GLN A 344 1.28 -2.11 -43.58
C GLN A 344 2.37 -1.81 -44.59
N TYR A 345 3.47 -2.56 -44.54
CA TYR A 345 4.55 -2.42 -45.50
C TYR A 345 4.12 -2.86 -46.90
N GLN A 346 3.34 -3.94 -46.97
CA GLN A 346 2.84 -4.47 -48.24
C GLN A 346 1.98 -3.44 -48.97
N GLN A 347 1.11 -2.77 -48.23
CA GLN A 347 0.24 -1.74 -48.78
C GLN A 347 1.02 -0.50 -49.23
N ALA A 348 2.02 -0.12 -48.45
CA ALA A 348 2.82 1.09 -48.72
C ALA A 348 3.62 1.01 -50.01
N ILE A 349 3.96 -0.21 -50.41
CA ILE A 349 4.63 -0.45 -51.69
C ILE A 349 3.57 -0.55 -52.79
N TYR A 350 2.46 -1.23 -52.47
CA TYR A 350 1.32 -1.40 -53.38
C TYR A 350 0.79 -0.07 -53.93
N LYS A 351 0.72 0.95 -53.08
CA LYS A 351 0.31 2.29 -53.51
C LYS A 351 1.39 3.02 -54.30
N CYS A 352 2.65 2.78 -53.95
CA CYS A 352 3.77 3.43 -54.63
C CYS A 352 3.96 2.92 -56.06
N LEU A 353 3.61 1.66 -56.28
CA LEU A 353 3.65 1.07 -57.62
C LEU A 353 2.63 1.75 -58.53
N LEU A 354 1.34 1.60 -58.19
CA LEU A 354 0.24 2.18 -58.95
C LEU A 354 0.47 3.65 -59.32
N ASP A 355 1.19 4.36 -58.46
CA ASP A 355 1.52 5.77 -58.71
C ASP A 355 2.66 5.94 -59.70
N ARG A 356 3.70 5.14 -59.57
CA ARG A 356 4.92 5.29 -60.39
C ARG A 356 4.79 4.72 -61.80
N VAL A 357 3.94 3.69 -61.96
CA VAL A 357 3.68 3.11 -63.28
C VAL A 357 2.21 3.23 -63.68
N PRO A 358 1.93 4.01 -64.74
CA PRO A 358 0.57 4.09 -65.30
C PRO A 358 0.12 2.75 -65.90
N GLU A 359 -1.20 2.55 -65.95
CA GLU A 359 -1.82 1.30 -66.39
C GLU A 359 -1.36 0.81 -67.78
N GLU A 360 -1.16 1.76 -68.69
CA GLU A 360 -0.70 1.44 -70.05
C GLU A 360 0.77 1.01 -70.10
N GLU A 361 1.47 1.13 -68.96
CA GLU A 361 2.89 0.80 -68.90
C GLU A 361 3.20 -0.46 -68.08
N LYS A 362 2.16 -1.26 -67.80
CA LYS A 362 2.28 -2.39 -66.87
C LYS A 362 3.13 -3.57 -67.36
N ASP A 363 3.56 -3.53 -68.61
CA ASP A 363 4.42 -4.57 -69.17
C ASP A 363 5.73 -4.03 -69.75
N THR A 364 5.73 -2.74 -70.09
CA THR A 364 6.94 -2.07 -70.58
C THR A 364 7.85 -1.58 -69.44
N ASN A 365 7.27 -1.37 -68.26
CA ASN A 365 8.02 -0.82 -67.14
C ASN A 365 8.15 -1.76 -65.93
N VAL A 366 9.39 -2.19 -65.71
CA VAL A 366 9.76 -2.99 -64.54
C VAL A 366 10.50 -2.09 -63.54
N GLN A 367 9.95 -2.00 -62.32
CA GLN A 367 10.51 -1.14 -61.28
C GLN A 367 11.66 -1.83 -60.55
N VAL A 368 12.62 -1.04 -60.08
CA VAL A 368 13.74 -1.61 -59.32
C VAL A 368 13.63 -1.28 -57.83
N LEU A 369 13.28 -2.32 -57.06
CA LEU A 369 13.11 -2.23 -55.60
C LEU A 369 14.33 -2.74 -54.84
N MET A 370 14.73 -2.01 -53.81
CA MET A 370 15.89 -2.38 -53.00
C MET A 370 15.58 -2.44 -51.50
N VAL A 371 15.48 -3.67 -50.98
CA VAL A 371 15.23 -3.87 -49.56
C VAL A 371 16.54 -3.73 -48.79
N LEU A 372 16.72 -2.56 -48.17
CA LEU A 372 17.95 -2.26 -47.44
C LEU A 372 17.85 -2.75 -45.99
N GLY A 373 18.63 -3.78 -45.69
CA GLY A 373 18.51 -4.48 -44.42
C GLY A 373 17.29 -5.39 -44.48
N ALA A 374 17.41 -6.43 -45.30
CA ALA A 374 16.29 -7.33 -45.61
C ALA A 374 15.93 -8.27 -44.47
N GLY A 375 16.91 -8.54 -43.60
CA GLY A 375 16.72 -9.47 -42.49
C GLY A 375 16.66 -10.88 -43.01
N ARG A 376 15.64 -11.63 -42.58
CA ARG A 376 15.42 -12.98 -43.10
C ARG A 376 14.51 -12.95 -44.34
N GLY A 377 14.16 -11.74 -44.76
CA GLY A 377 13.48 -11.50 -46.03
C GLY A 377 11.96 -11.47 -46.05
N PRO A 378 11.32 -11.01 -44.95
CA PRO A 378 9.86 -10.93 -45.04
C PRO A 378 9.41 -9.69 -45.81
N LEU A 379 10.26 -8.67 -45.86
CA LEU A 379 9.99 -7.49 -46.67
C LEU A 379 10.27 -7.74 -48.15
N VAL A 380 10.97 -8.83 -48.44
CA VAL A 380 11.15 -9.28 -49.82
C VAL A 380 9.85 -9.93 -50.30
N ASN A 381 9.32 -10.84 -49.48
CA ASN A 381 8.01 -11.46 -49.75
C ASN A 381 6.90 -10.43 -49.81
N ALA A 382 6.98 -9.41 -48.93
CA ALA A 382 6.02 -8.32 -48.91
C ALA A 382 6.13 -7.43 -50.15
N SER A 383 7.34 -7.34 -50.70
CA SER A 383 7.56 -6.63 -51.97
C SER A 383 6.98 -7.42 -53.13
N LEU A 384 7.12 -8.73 -53.07
CA LEU A 384 6.58 -9.64 -54.10
C LEU A 384 5.06 -9.69 -54.06
N ARG A 385 4.49 -9.66 -52.85
CA ARG A 385 3.03 -9.64 -52.69
C ARG A 385 2.42 -8.32 -53.15
N ALA A 386 3.18 -7.23 -53.01
CA ALA A 386 2.74 -5.91 -53.44
C ALA A 386 2.67 -5.81 -54.97
N ALA A 387 3.55 -6.55 -55.64
CA ALA A 387 3.57 -6.59 -57.10
C ALA A 387 2.36 -7.34 -57.67
N LYS A 388 2.18 -8.59 -57.25
CA LYS A 388 1.08 -9.42 -57.72
C LYS A 388 -0.28 -9.03 -57.11
N GLN A 389 -0.32 -7.84 -56.49
CA GLN A 389 -1.56 -7.25 -56.01
C GLN A 389 -1.88 -6.02 -56.87
N ALA A 390 -0.83 -5.36 -57.32
CA ALA A 390 -0.96 -4.17 -58.17
C ALA A 390 -0.71 -4.52 -59.64
N ASP A 391 -0.50 -5.81 -59.91
CA ASP A 391 -0.23 -6.33 -61.25
C ASP A 391 0.87 -5.54 -61.98
N ARG A 392 1.99 -5.32 -61.29
CA ARG A 392 3.14 -4.62 -61.86
C ARG A 392 4.41 -5.44 -61.73
N ARG A 393 5.40 -5.16 -62.59
CA ARG A 393 6.65 -5.92 -62.61
C ARG A 393 7.77 -5.23 -61.84
N ILE A 394 8.54 -6.01 -61.07
CA ILE A 394 9.58 -5.48 -60.20
C ILE A 394 10.87 -6.31 -60.17
N LYS A 395 12.01 -5.61 -60.11
CA LYS A 395 13.31 -6.24 -59.88
C LYS A 395 13.71 -6.00 -58.42
N LEU A 396 14.25 -7.03 -57.79
CA LEU A 396 14.55 -6.98 -56.35
C LEU A 396 16.01 -7.14 -55.98
N TYR A 397 16.47 -6.29 -55.06
CA TYR A 397 17.76 -6.44 -54.42
C TYR A 397 17.55 -6.58 -52.92
N ALA A 398 18.04 -7.68 -52.34
CA ALA A 398 17.92 -7.92 -50.91
C ALA A 398 19.27 -7.74 -50.22
N VAL A 399 19.56 -6.51 -49.81
CA VAL A 399 20.82 -6.17 -49.15
C VAL A 399 20.73 -6.44 -47.65
N GLU A 400 21.74 -7.13 -47.12
CA GLU A 400 21.81 -7.45 -45.69
C GLU A 400 23.26 -7.52 -45.19
N LYS A 401 23.52 -6.88 -44.06
CA LYS A 401 24.86 -6.87 -43.46
C LYS A 401 25.12 -8.12 -42.63
N ASN A 402 24.09 -8.58 -41.93
CA ASN A 402 24.16 -9.78 -41.09
C ASN A 402 24.36 -11.03 -41.95
N PRO A 403 25.60 -11.54 -42.03
CA PRO A 403 25.91 -12.69 -42.89
C PRO A 403 25.13 -13.95 -42.51
N ASN A 404 24.79 -14.06 -41.23
CA ASN A 404 24.05 -15.20 -40.72
C ASN A 404 22.61 -15.24 -41.24
N ALA A 405 22.03 -14.05 -41.39
CA ALA A 405 20.71 -13.92 -42.00
C ALA A 405 20.81 -14.10 -43.51
N VAL A 406 21.89 -13.61 -44.11
CA VAL A 406 22.15 -13.74 -45.55
C VAL A 406 22.09 -15.22 -45.98
N VAL A 407 22.52 -16.10 -45.09
CA VAL A 407 22.39 -17.54 -45.29
C VAL A 407 20.92 -17.93 -45.53
N THR A 408 20.02 -17.37 -44.72
CA THR A 408 18.60 -17.61 -44.86
C THR A 408 18.07 -17.02 -46.17
N LEU A 409 18.57 -15.84 -46.53
CA LEU A 409 18.15 -15.15 -47.76
C LEU A 409 18.53 -15.91 -49.02
N GLU A 410 19.81 -16.29 -49.10
CA GLU A 410 20.32 -17.05 -50.25
C GLU A 410 19.66 -18.42 -50.36
N ASN A 411 19.18 -18.96 -49.24
CA ASN A 411 18.38 -20.19 -49.25
C ASN A 411 16.95 -19.94 -49.76
N TRP A 412 16.30 -18.89 -49.27
CA TRP A 412 15.01 -18.43 -49.82
C TRP A 412 15.16 -18.15 -51.31
N GLN A 413 16.28 -17.53 -51.69
CA GLN A 413 16.57 -17.14 -53.05
C GLN A 413 16.64 -18.32 -54.02
N PHE A 414 17.41 -19.35 -53.65
CA PHE A 414 17.60 -20.52 -54.49
C PHE A 414 16.35 -21.38 -54.58
N GLU A 415 15.70 -21.58 -53.43
CA GLU A 415 14.55 -22.48 -53.34
C GLU A 415 13.27 -21.90 -53.93
N GLU A 416 13.10 -20.59 -53.85
CA GLU A 416 11.79 -19.97 -54.13
C GLU A 416 11.81 -18.77 -55.08
N TRP A 417 12.52 -17.71 -54.71
CA TRP A 417 12.44 -16.44 -55.44
C TRP A 417 13.03 -16.51 -56.85
N GLY A 418 14.21 -17.09 -56.97
CA GLY A 418 14.89 -17.17 -58.26
C GLY A 418 15.53 -15.85 -58.67
N SER A 419 15.80 -15.73 -59.97
CA SER A 419 16.55 -14.60 -60.53
C SER A 419 15.96 -13.22 -60.27
N GLN A 420 14.71 -13.18 -59.84
CA GLN A 420 14.02 -11.92 -59.57
C GLN A 420 14.67 -11.15 -58.42
N VAL A 421 15.14 -11.89 -57.41
CA VAL A 421 15.81 -11.29 -56.25
C VAL A 421 17.34 -11.45 -56.38
N THR A 422 18.04 -10.34 -56.21
CA THR A 422 19.50 -10.34 -56.22
C THR A 422 20.03 -10.02 -54.81
N VAL A 423 20.32 -11.08 -54.05
CA VAL A 423 20.77 -10.94 -52.66
C VAL A 423 22.17 -10.33 -52.59
N VAL A 424 22.32 -9.30 -51.78
CA VAL A 424 23.60 -8.62 -51.58
C VAL A 424 24.04 -8.70 -50.13
N SER A 425 25.17 -9.37 -49.90
CA SER A 425 25.68 -9.59 -48.56
C SER A 425 26.70 -8.51 -48.17
N SER A 426 26.22 -7.30 -47.94
CA SER A 426 27.07 -6.19 -47.50
C SER A 426 26.31 -5.11 -46.72
N ASP A 427 27.04 -4.09 -46.31
CA ASP A 427 26.45 -2.91 -45.69
C ASP A 427 25.98 -1.98 -46.79
N MET A 428 24.87 -1.29 -46.55
CA MET A 428 24.30 -0.37 -47.54
C MET A 428 25.17 0.88 -47.75
N ARG A 429 25.82 1.35 -46.68
CA ARG A 429 26.73 2.49 -46.79
C ARG A 429 27.94 2.16 -47.66
N GLU A 430 28.22 0.87 -47.82
CA GLU A 430 29.39 0.40 -48.53
C GLU A 430 29.10 -0.11 -49.94
N TRP A 431 27.93 -0.73 -50.11
CA TRP A 431 27.57 -1.39 -51.35
C TRP A 431 27.62 -0.47 -52.57
N VAL A 432 28.30 -0.92 -53.60
CA VAL A 432 28.30 -0.24 -54.90
C VAL A 432 27.23 -0.90 -55.76
N ALA A 433 26.17 -0.16 -56.04
CA ALA A 433 25.04 -0.68 -56.78
C ALA A 433 25.34 -0.75 -58.27
N PRO A 434 24.93 -1.85 -58.94
CA PRO A 434 25.07 -1.94 -60.39
C PRO A 434 24.21 -0.90 -61.10
N GLU A 435 23.03 -0.64 -60.54
CA GLU A 435 22.05 0.28 -61.09
C GLU A 435 21.37 1.04 -59.96
N LYS A 436 20.85 2.22 -60.27
CA LYS A 436 20.14 3.03 -59.27
C LYS A 436 18.74 2.49 -58.99
N ALA A 437 18.12 2.94 -57.90
CA ALA A 437 16.85 2.38 -57.45
C ALA A 437 15.65 3.26 -57.75
N ASP A 438 14.53 2.60 -58.06
CA ASP A 438 13.23 3.24 -58.14
C ASP A 438 12.71 3.52 -56.72
N ILE A 439 12.73 2.47 -55.89
CA ILE A 439 12.25 2.55 -54.51
C ILE A 439 13.17 1.79 -53.57
N ILE A 440 13.61 2.45 -52.49
CA ILE A 440 14.35 1.78 -51.41
C ILE A 440 13.43 1.52 -50.23
N VAL A 441 13.36 0.26 -49.80
CA VAL A 441 12.49 -0.15 -48.71
C VAL A 441 13.31 -0.58 -47.51
N SER A 442 13.09 0.07 -46.36
CA SER A 442 13.89 -0.17 -45.16
C SER A 442 13.08 -0.14 -43.87
N GLU A 443 13.44 -1.02 -42.94
CA GLU A 443 12.87 -1.00 -41.60
C GLU A 443 14.01 -1.02 -40.58
N LEU A 444 14.59 0.16 -40.36
CA LEU A 444 15.76 0.31 -39.50
C LEU A 444 15.42 1.15 -38.27
N LEU A 445 14.16 1.04 -37.82
CA LEU A 445 13.63 1.92 -36.79
C LEU A 445 13.61 1.28 -35.41
N GLY A 446 14.01 2.07 -34.42
CA GLY A 446 13.95 1.64 -33.03
C GLY A 446 12.71 2.18 -32.34
N SER A 447 12.68 2.08 -31.02
CA SER A 447 11.57 2.57 -30.23
C SER A 447 11.50 4.09 -30.25
N PHE A 448 12.65 4.73 -30.37
CA PHE A 448 12.75 6.17 -30.48
C PHE A 448 12.98 6.59 -31.93
N ALA A 449 12.50 5.76 -32.85
CA ALA A 449 12.72 5.89 -34.30
C ALA A 449 14.19 5.85 -34.72
N ASP A 450 14.87 6.98 -34.55
CA ASP A 450 16.22 7.19 -35.07
C ASP A 450 17.34 6.54 -34.27
N ASN A 451 16.99 5.89 -33.16
CA ASN A 451 17.99 5.34 -32.23
C ASN A 451 18.78 4.11 -32.72
N GLU A 452 18.25 3.42 -33.73
CA GLU A 452 18.99 2.34 -34.37
C GLU A 452 19.76 2.84 -35.59
N LEU A 453 19.87 4.17 -35.69
CA LEU A 453 20.67 4.85 -36.73
C LEU A 453 20.16 4.64 -38.16
N SER A 454 18.84 4.65 -38.30
CA SER A 454 18.20 4.64 -39.62
C SER A 454 18.58 5.87 -40.46
N PRO A 455 18.68 7.06 -39.84
CA PRO A 455 19.16 8.22 -40.62
C PRO A 455 20.51 7.97 -41.28
N GLU A 456 21.48 7.52 -40.50
CA GLU A 456 22.85 7.35 -40.99
C GLU A 456 22.98 6.28 -42.06
N CYS A 457 22.23 5.19 -41.90
CA CYS A 457 22.29 4.05 -42.82
C CYS A 457 21.74 4.38 -44.20
N LEU A 458 20.63 5.11 -44.23
CA LEU A 458 19.99 5.47 -45.49
C LEU A 458 20.72 6.61 -46.20
N ASP A 459 21.43 7.43 -45.43
CA ASP A 459 22.24 8.52 -45.98
C ASP A 459 23.35 8.02 -46.88
N GLY A 460 24.08 7.00 -46.42
CA GLY A 460 25.15 6.39 -47.21
C GLY A 460 24.62 5.47 -48.29
N ALA A 461 23.32 5.52 -48.54
CA ALA A 461 22.66 4.62 -49.48
C ALA A 461 21.77 5.36 -50.47
N GLN A 462 21.44 6.61 -50.16
CA GLN A 462 20.58 7.42 -51.02
C GLN A 462 21.29 7.90 -52.29
N HIS A 463 22.60 7.69 -52.35
CA HIS A 463 23.39 8.02 -53.54
C HIS A 463 23.04 7.12 -54.72
N PHE A 464 22.58 5.91 -54.44
CA PHE A 464 22.13 5.00 -55.51
C PHE A 464 20.61 4.90 -55.64
N LEU A 465 19.91 5.95 -55.22
CA LEU A 465 18.49 6.11 -55.50
C LEU A 465 18.35 7.10 -56.65
N LYS A 466 17.42 6.83 -57.56
CA LYS A 466 17.15 7.76 -58.67
C LYS A 466 16.64 9.10 -58.17
N ASP A 467 16.85 10.14 -58.97
CA ASP A 467 16.51 11.51 -58.58
C ASP A 467 15.02 11.70 -58.25
N ASP A 468 14.18 10.86 -58.83
CA ASP A 468 12.74 10.86 -58.56
C ASP A 468 12.33 9.69 -57.67
N GLY A 469 13.32 8.96 -57.16
CA GLY A 469 13.11 7.75 -56.36
C GLY A 469 12.37 7.96 -55.05
N VAL A 470 11.62 6.94 -54.65
CA VAL A 470 10.85 6.97 -53.40
C VAL A 470 11.59 6.17 -52.31
N SER A 471 11.65 6.72 -51.10
CA SER A 471 12.16 6.00 -49.94
C SER A 471 11.03 5.63 -49.00
N ILE A 472 10.96 4.35 -48.66
CA ILE A 472 10.02 3.86 -47.66
C ILE A 472 10.80 3.35 -46.45
N PRO A 473 10.64 4.01 -45.29
CA PRO A 473 9.66 5.07 -45.09
C PRO A 473 10.13 6.45 -45.59
N GLY A 474 9.17 7.36 -45.76
CA GLY A 474 9.46 8.73 -46.18
C GLY A 474 9.98 9.58 -45.04
N GLU A 475 9.32 9.47 -43.88
CA GLU A 475 9.75 10.17 -42.67
C GLU A 475 9.35 9.42 -41.39
N TYR A 476 9.99 9.80 -40.29
CA TYR A 476 9.62 9.31 -38.96
C TYR A 476 9.88 10.36 -37.89
N THR A 477 9.15 10.26 -36.78
CA THR A 477 9.25 11.25 -35.71
C THR A 477 9.22 10.62 -34.33
N SER A 478 10.18 11.01 -33.49
CA SER A 478 10.23 10.57 -32.12
C SER A 478 9.39 11.49 -31.24
N PHE A 479 8.73 10.90 -30.23
CA PHE A 479 7.92 11.64 -29.28
C PHE A 479 8.42 11.41 -27.86
N LEU A 480 8.22 12.41 -26.99
CA LEU A 480 8.61 12.29 -25.58
C LEU A 480 7.50 12.74 -24.64
N ALA A 481 7.44 12.09 -23.47
CA ALA A 481 6.49 12.45 -22.43
C ALA A 481 7.11 12.20 -21.04
N PRO A 482 6.85 13.11 -20.08
CA PRO A 482 7.41 12.95 -18.74
C PRO A 482 6.63 11.90 -17.95
N ILE A 483 7.34 11.02 -17.26
CA ILE A 483 6.68 9.99 -16.46
C ILE A 483 7.05 10.05 -14.98
N SER A 484 6.11 9.59 -14.17
CA SER A 484 6.36 9.37 -12.76
C SER A 484 6.18 7.88 -12.48
N SER A 485 7.28 7.24 -12.09
CA SER A 485 7.26 5.84 -11.69
C SER A 485 8.37 5.57 -10.69
N SER A 486 7.99 5.58 -9.41
CA SER A 486 8.93 5.26 -8.35
C SER A 486 9.38 3.80 -8.48
N LYS A 487 8.54 3.01 -9.14
CA LYS A 487 8.81 1.59 -9.42
C LYS A 487 9.94 1.41 -10.43
N LEU A 488 9.83 2.10 -11.56
CA LEU A 488 10.82 2.01 -12.64
C LEU A 488 12.11 2.74 -12.30
N TYR A 489 12.01 3.79 -11.49
CA TYR A 489 13.19 4.49 -11.01
C TYR A 489 14.07 3.57 -10.17
N ASN A 490 13.44 2.66 -9.44
CA ASN A 490 14.17 1.72 -8.60
C ASN A 490 14.77 0.57 -9.41
N GLU A 491 14.15 0.25 -10.54
CA GLU A 491 14.63 -0.77 -11.47
C GLU A 491 15.96 -0.33 -12.07
N VAL A 492 16.00 0.91 -12.54
CA VAL A 492 17.21 1.51 -13.10
C VAL A 492 18.27 1.57 -12.01
N ARG A 493 17.90 2.07 -10.84
CA ARG A 493 18.79 2.17 -9.69
C ARG A 493 19.48 0.84 -9.39
N ALA A 494 18.76 -0.25 -9.60
CA ALA A 494 19.26 -1.59 -9.32
C ALA A 494 20.20 -2.11 -10.43
N CYS A 495 20.43 -1.30 -11.45
CA CYS A 495 21.25 -1.72 -12.58
C CYS A 495 22.72 -1.30 -12.49
N ARG A 496 23.16 -0.96 -11.27
CA ARG A 496 24.57 -0.63 -11.04
C ARG A 496 25.43 -1.88 -11.21
N GLU A 497 26.50 -1.73 -11.98
CA GLU A 497 27.42 -2.84 -12.25
C GLU A 497 28.82 -2.49 -11.80
N LYS A 498 29.60 -3.52 -11.48
CA LYS A 498 31.01 -3.38 -11.17
C LYS A 498 31.79 -2.88 -12.41
N ASP A 499 32.97 -2.32 -12.17
CA ASP A 499 33.91 -1.95 -13.23
C ASP A 499 33.40 -0.87 -14.20
N ARG A 500 32.44 -0.08 -13.74
CA ARG A 500 31.97 1.09 -14.50
C ARG A 500 31.49 2.20 -13.58
N ASP A 501 31.19 3.36 -14.16
CA ASP A 501 30.60 4.48 -13.44
C ASP A 501 29.42 3.97 -12.60
N PRO A 502 29.40 4.31 -11.30
CA PRO A 502 28.33 3.82 -10.41
C PRO A 502 26.95 4.40 -10.73
N GLU A 503 26.89 5.38 -11.63
CA GLU A 503 25.62 6.00 -12.01
C GLU A 503 25.31 5.83 -13.50
N ALA A 504 26.16 5.07 -14.20
CA ALA A 504 26.06 4.87 -15.65
C ALA A 504 24.67 4.44 -16.14
N GLN A 505 23.98 3.65 -15.32
CA GLN A 505 22.66 3.11 -15.66
C GLN A 505 21.58 4.17 -15.85
N PHE A 506 21.77 5.32 -15.19
CA PHE A 506 20.85 6.44 -15.33
C PHE A 506 21.07 7.20 -16.64
N GLU A 507 22.26 7.06 -17.21
CA GLU A 507 22.62 7.81 -18.41
C GLU A 507 22.47 6.99 -19.70
N MET A 508 21.47 6.12 -19.73
CA MET A 508 21.18 5.28 -20.90
C MET A 508 19.70 4.96 -21.01
N PRO A 509 19.15 4.89 -22.24
CA PRO A 509 17.75 4.56 -22.43
C PRO A 509 17.48 3.06 -22.30
N TYR A 510 16.24 2.70 -21.97
CA TYR A 510 15.86 1.30 -21.85
C TYR A 510 14.58 1.07 -22.63
N VAL A 511 14.54 -0.03 -23.38
CA VAL A 511 13.29 -0.49 -23.98
C VAL A 511 12.53 -1.22 -22.88
N VAL A 512 11.27 -0.83 -22.67
CA VAL A 512 10.46 -1.40 -21.60
C VAL A 512 8.97 -1.24 -21.89
N ARG A 513 8.20 -2.31 -21.69
CA ARG A 513 6.75 -2.18 -21.65
C ARG A 513 6.39 -1.46 -20.35
N LEU A 514 6.27 -0.14 -20.44
CA LEU A 514 5.92 0.69 -19.29
C LEU A 514 4.55 0.27 -18.77
N HIS A 515 4.43 0.14 -17.46
CA HIS A 515 3.23 -0.41 -16.87
C HIS A 515 2.84 0.37 -15.61
N ASN A 516 3.59 0.17 -14.54
CA ASN A 516 3.35 0.90 -13.29
C ASN A 516 3.98 2.29 -13.36
N PHE A 517 3.26 3.23 -13.97
CA PHE A 517 3.75 4.59 -14.17
C PHE A 517 2.62 5.60 -14.35
N HIS A 518 3.00 6.86 -14.50
CA HIS A 518 2.05 7.93 -14.67
C HIS A 518 2.57 8.90 -15.72
N GLN A 519 1.85 9.02 -16.83
CA GLN A 519 2.21 10.03 -17.83
C GLN A 519 1.76 11.40 -17.36
N LEU A 520 2.73 12.29 -17.16
CA LEU A 520 2.48 13.58 -16.51
C LEU A 520 2.06 14.67 -17.49
N SER A 521 2.30 14.45 -18.79
CA SER A 521 1.91 15.40 -19.82
C SER A 521 1.75 14.70 -21.17
N ALA A 522 1.25 15.44 -22.16
CA ALA A 522 0.96 14.89 -23.48
C ALA A 522 2.23 14.72 -24.31
N PRO A 523 2.39 13.54 -24.97
CA PRO A 523 3.59 13.31 -25.79
C PRO A 523 3.71 14.36 -26.88
N GLN A 524 4.88 15.00 -26.95
CA GLN A 524 5.17 16.01 -27.95
C GLN A 524 6.31 15.51 -28.87
N PRO A 525 6.32 15.95 -30.14
CA PRO A 525 7.35 15.49 -31.07
C PRO A 525 8.73 15.99 -30.67
N CYS A 526 9.75 15.18 -30.96
CA CYS A 526 11.13 15.49 -30.58
C CYS A 526 12.04 15.65 -31.79
N PHE A 527 12.35 14.52 -32.46
CA PHE A 527 13.22 14.54 -33.63
C PHE A 527 12.53 13.97 -34.85
N THR A 528 12.76 14.61 -36.00
CA THR A 528 12.17 14.19 -37.27
C THR A 528 13.24 14.05 -38.35
N PHE A 529 13.11 13.01 -39.18
CA PHE A 529 14.00 12.79 -40.30
C PHE A 529 13.20 12.51 -41.56
N SER A 530 13.68 13.02 -42.69
CA SER A 530 13.05 12.79 -43.99
C SER A 530 13.98 12.05 -44.95
N HIS A 531 13.41 11.17 -45.76
CA HIS A 531 14.18 10.41 -46.76
C HIS A 531 13.43 10.32 -48.10
N PRO A 532 14.08 10.69 -49.20
CA PRO A 532 15.48 11.13 -49.22
C PRO A 532 15.69 12.53 -48.67
N ASN A 533 16.95 12.87 -48.41
CA ASN A 533 17.33 14.16 -47.86
C ASN A 533 18.30 14.89 -48.79
N ARG A 534 17.78 15.86 -49.53
CA ARG A 534 18.55 16.57 -50.54
C ARG A 534 19.18 17.86 -50.03
N ASP A 535 19.20 18.02 -48.72
CA ASP A 535 19.88 19.15 -48.05
C ASP A 535 21.37 19.13 -48.40
N PRO A 536 21.92 20.28 -48.87
CA PRO A 536 23.30 20.36 -49.34
C PRO A 536 24.33 19.83 -48.36
N MET A 537 24.34 20.35 -47.13
CA MET A 537 25.19 19.85 -46.06
C MET A 537 24.34 18.98 -45.12
N ILE A 538 24.23 17.69 -45.46
CA ILE A 538 23.43 16.73 -44.70
C ILE A 538 23.90 16.68 -43.23
N ASP A 539 22.97 16.90 -42.30
CA ASP A 539 23.28 16.82 -40.87
C ASP A 539 22.19 16.12 -40.04
N ASN A 540 22.62 15.17 -39.21
CA ASN A 540 21.72 14.36 -38.40
C ASN A 540 21.76 14.68 -36.90
N ASN A 541 22.69 15.54 -36.48
CA ASN A 541 22.70 16.06 -35.12
C ASN A 541 21.51 16.96 -34.87
N ARG A 542 21.03 16.98 -33.62
CA ARG A 542 19.86 17.76 -33.26
C ARG A 542 20.00 18.40 -31.88
N TYR A 543 19.09 19.33 -31.60
CA TYR A 543 18.93 19.92 -30.28
C TYR A 543 17.49 20.43 -30.24
N CYS A 544 16.74 19.96 -29.24
CA CYS A 544 15.33 20.23 -29.13
C CYS A 544 14.94 20.56 -27.70
N THR A 545 14.22 21.67 -27.54
CA THR A 545 13.70 22.07 -26.23
C THR A 545 12.19 21.84 -26.17
N LEU A 546 11.75 21.11 -25.15
CA LEU A 546 10.33 20.81 -24.99
C LEU A 546 9.79 21.34 -23.66
N GLU A 547 8.51 21.71 -23.67
CA GLU A 547 7.83 22.22 -22.47
C GLU A 547 6.52 21.47 -22.24
N PHE A 548 6.37 20.90 -21.04
CA PHE A 548 5.23 20.05 -20.71
C PHE A 548 4.38 20.62 -19.59
N PRO A 549 3.14 21.04 -19.91
CA PRO A 549 2.20 21.47 -18.86
C PRO A 549 1.82 20.31 -17.95
N VAL A 550 2.11 20.45 -16.66
CA VAL A 550 1.79 19.44 -15.67
C VAL A 550 0.79 19.99 -14.67
N GLU A 551 -0.27 19.23 -14.40
CA GLU A 551 -1.34 19.69 -13.51
C GLU A 551 -1.60 18.75 -12.34
N VAL A 552 -0.54 18.20 -11.77
CA VAL A 552 -0.66 17.42 -10.54
C VAL A 552 0.66 17.53 -9.76
N ASN A 553 0.58 17.46 -8.43
CA ASN A 553 1.78 17.32 -7.62
C ASN A 553 2.29 15.91 -7.84
N THR A 554 3.56 15.80 -8.24
CA THR A 554 4.14 14.51 -8.63
C THR A 554 5.67 14.51 -8.48
N VAL A 555 6.28 13.34 -8.74
CA VAL A 555 7.73 13.22 -8.75
C VAL A 555 8.20 12.62 -10.06
N LEU A 556 8.96 13.41 -10.82
CA LEU A 556 9.45 13.02 -12.14
C LEU A 556 10.62 12.04 -12.05
N HIS A 557 10.51 10.92 -12.74
CA HIS A 557 11.55 9.89 -12.70
C HIS A 557 12.21 9.64 -14.06
N GLY A 558 11.74 10.34 -15.09
CA GLY A 558 12.30 10.18 -16.45
C GLY A 558 11.32 10.54 -17.55
N PHE A 559 11.70 10.23 -18.79
CA PHE A 559 10.89 10.55 -19.97
C PHE A 559 10.65 9.34 -20.85
N ALA A 560 9.38 9.11 -21.19
CA ALA A 560 8.98 8.01 -22.05
C ALA A 560 9.08 8.38 -23.51
N GLY A 561 9.72 7.52 -24.29
CA GLY A 561 9.90 7.75 -25.72
C GLY A 561 9.02 6.88 -26.58
N TYR A 562 8.46 7.49 -27.62
CA TYR A 562 7.65 6.79 -28.61
C TYR A 562 8.05 7.29 -30.00
N PHE A 563 7.47 6.69 -31.03
CA PHE A 563 7.73 7.16 -32.40
C PHE A 563 6.53 6.93 -33.33
N GLU A 564 6.48 7.74 -34.39
CA GLU A 564 5.57 7.55 -35.50
C GLU A 564 6.39 7.54 -36.79
N THR A 565 5.87 6.87 -37.83
CA THR A 565 6.52 6.91 -39.13
C THR A 565 5.53 6.89 -40.30
N VAL A 566 5.92 7.55 -41.38
CA VAL A 566 5.16 7.57 -42.62
C VAL A 566 5.87 6.68 -43.63
N LEU A 567 5.28 5.51 -43.91
CA LEU A 567 5.82 4.58 -44.89
C LEU A 567 5.60 5.12 -46.29
N TYR A 568 4.32 5.27 -46.66
CA TYR A 568 3.92 5.94 -47.90
C TYR A 568 2.55 6.61 -47.75
N GLN A 569 2.49 7.89 -48.09
CA GLN A 569 1.28 8.72 -48.01
C GLN A 569 0.57 8.59 -46.67
N ASP A 570 -0.61 7.95 -46.66
CA ASP A 570 -1.41 7.80 -45.46
C ASP A 570 -1.11 6.50 -44.71
N ILE A 571 -0.36 5.60 -45.34
CA ILE A 571 0.02 4.36 -44.70
C ILE A 571 1.14 4.63 -43.69
N THR A 572 0.82 4.48 -42.41
CA THR A 572 1.72 4.88 -41.33
C THR A 572 1.82 3.85 -40.22
N LEU A 573 2.90 3.95 -39.45
CA LEU A 573 3.09 3.14 -38.24
C LEU A 573 3.34 4.05 -37.03
N SER A 574 2.79 3.67 -35.88
CA SER A 574 2.91 4.47 -34.67
C SER A 574 2.91 3.59 -33.42
N ILE A 575 3.74 3.98 -32.44
CA ILE A 575 3.69 3.37 -31.11
C ILE A 575 3.26 4.38 -30.05
N ARG A 576 3.13 5.63 -30.49
CA ARG A 576 2.55 6.72 -29.72
C ARG A 576 1.13 6.34 -29.29
N PRO A 577 0.88 6.29 -27.97
CA PRO A 577 -0.35 5.76 -27.39
C PRO A 577 -1.64 6.32 -28.01
N GLU A 578 -1.60 7.57 -28.46
CA GLU A 578 -2.77 8.21 -29.06
C GLU A 578 -3.08 7.66 -30.45
N THR A 579 -2.03 7.36 -31.22
CA THR A 579 -2.17 6.97 -32.60
C THR A 579 -1.61 5.57 -32.86
N HIS A 580 -1.44 4.79 -31.79
CA HIS A 580 -0.84 3.46 -31.84
C HIS A 580 -1.48 2.56 -32.89
N SER A 581 -0.66 1.99 -33.77
CA SER A 581 -1.11 0.99 -34.72
C SER A 581 -1.58 -0.23 -33.94
N PRO A 582 -2.85 -0.65 -34.13
CA PRO A 582 -3.47 -1.69 -33.29
C PRO A 582 -2.90 -3.08 -33.52
N GLY A 583 -2.57 -3.77 -32.42
CA GLY A 583 -2.06 -5.14 -32.47
C GLY A 583 -0.57 -5.28 -32.74
N MET A 584 0.09 -4.16 -33.00
CA MET A 584 1.51 -4.15 -33.33
C MET A 584 2.40 -4.15 -32.09
N PHE A 585 2.97 -5.32 -31.79
CA PHE A 585 3.81 -5.52 -30.61
C PHE A 585 5.30 -5.45 -30.93
N SER A 586 5.64 -5.08 -32.16
CA SER A 586 7.03 -5.04 -32.62
C SER A 586 7.90 -4.05 -31.83
N TRP A 587 7.28 -3.00 -31.30
CA TRP A 587 8.02 -2.02 -30.50
C TRP A 587 7.39 -1.77 -29.15
N PHE A 588 8.23 -1.83 -28.11
CA PHE A 588 7.86 -1.32 -26.80
C PHE A 588 8.37 0.12 -26.70
N PRO A 589 7.88 0.88 -25.70
CA PRO A 589 8.41 2.23 -25.53
C PRO A 589 9.84 2.24 -24.99
N ILE A 590 10.51 3.38 -25.14
CA ILE A 590 11.84 3.59 -24.59
C ILE A 590 11.73 4.45 -23.33
N LEU A 591 12.69 4.33 -22.43
CA LEU A 591 12.72 5.13 -21.21
C LEU A 591 14.06 5.81 -21.04
N PHE A 592 14.04 7.13 -20.93
CA PHE A 592 15.23 7.90 -20.63
C PHE A 592 15.19 8.32 -19.17
N PRO A 593 15.87 7.57 -18.29
CA PRO A 593 15.82 7.93 -16.88
C PRO A 593 16.61 9.20 -16.56
N ILE A 594 16.36 9.74 -15.38
CA ILE A 594 17.13 10.86 -14.84
C ILE A 594 17.69 10.48 -13.46
N LYS A 595 18.94 10.87 -13.20
CA LYS A 595 19.66 10.50 -11.98
C LYS A 595 18.88 10.75 -10.70
N GLN A 596 18.47 12.00 -10.50
CA GLN A 596 17.75 12.40 -9.30
C GLN A 596 16.29 12.68 -9.61
N PRO A 597 15.38 12.11 -8.82
CA PRO A 597 13.94 12.33 -9.02
C PRO A 597 13.57 13.77 -8.67
N ILE A 598 12.87 14.42 -9.58
CA ILE A 598 12.54 15.84 -9.42
C ILE A 598 11.09 16.02 -9.00
N THR A 599 10.88 16.81 -7.93
CA THR A 599 9.54 17.14 -7.45
C THR A 599 8.88 18.15 -8.38
N VAL A 600 7.66 17.83 -8.81
CA VAL A 600 6.90 18.69 -9.71
C VAL A 600 5.58 19.04 -9.05
N ARG A 601 5.33 20.34 -8.87
CA ARG A 601 4.08 20.80 -8.28
C ARG A 601 3.00 21.00 -9.33
N GLU A 602 1.75 20.93 -8.89
CA GLU A 602 0.60 21.14 -9.75
C GLU A 602 0.66 22.52 -10.43
N GLY A 603 0.44 22.53 -11.74
CA GLY A 603 0.44 23.78 -12.50
C GLY A 603 1.80 24.29 -12.91
N GLN A 604 2.81 23.42 -12.86
CA GLN A 604 4.16 23.79 -13.30
C GLN A 604 4.51 23.18 -14.65
N THR A 605 5.56 23.72 -15.27
CA THR A 605 6.02 23.25 -16.57
C THR A 605 7.34 22.51 -16.42
N ILE A 606 7.39 21.30 -16.97
CA ILE A 606 8.63 20.55 -17.08
C ILE A 606 9.28 20.92 -18.40
N CYS A 607 10.51 21.44 -18.31
CA CYS A 607 11.27 21.76 -19.50
C CYS A 607 12.44 20.80 -19.67
N VAL A 608 12.43 20.07 -20.78
CA VAL A 608 13.48 19.09 -21.07
C VAL A 608 14.23 19.45 -22.35
N ARG A 609 15.50 19.08 -22.40
CA ARG A 609 16.37 19.43 -23.52
C ARG A 609 17.06 18.16 -24.01
N PHE A 610 16.76 17.75 -25.24
CA PHE A 610 17.42 16.60 -25.84
C PHE A 610 18.38 17.01 -26.95
N TRP A 611 19.52 16.33 -27.00
CA TRP A 611 20.50 16.53 -28.06
C TRP A 611 20.80 15.19 -28.72
N ARG A 612 20.76 15.17 -30.05
CA ARG A 612 21.29 14.04 -30.79
C ARG A 612 22.70 14.42 -31.22
N CYS A 613 23.67 13.59 -30.85
CA CYS A 613 25.07 13.89 -31.09
C CYS A 613 25.75 12.73 -31.79
N SER A 614 26.74 13.04 -32.63
CA SER A 614 27.51 12.01 -33.32
C SER A 614 28.90 12.50 -33.70
N ASN A 615 29.84 11.56 -33.77
CA ASN A 615 31.08 11.75 -34.51
C ASN A 615 31.17 10.69 -35.62
N SER A 616 32.37 10.51 -36.17
CA SER A 616 32.58 9.56 -37.27
C SER A 616 32.40 8.10 -36.87
N LYS A 617 32.51 7.82 -35.56
CA LYS A 617 32.48 6.45 -35.06
C LYS A 617 31.15 6.01 -34.42
N LYS A 618 30.51 6.93 -33.67
CA LYS A 618 29.31 6.58 -32.90
C LYS A 618 28.34 7.75 -32.71
N VAL A 619 27.06 7.43 -32.61
CA VAL A 619 25.98 8.39 -32.40
C VAL A 619 25.39 8.14 -31.02
N TRP A 620 24.94 9.19 -30.34
CA TRP A 620 24.34 9.06 -29.00
C TRP A 620 23.40 10.22 -28.65
N TYR A 621 22.71 10.08 -27.52
CA TYR A 621 21.84 11.14 -27.01
C TYR A 621 22.39 11.75 -25.73
N GLU A 622 22.09 13.04 -25.54
CA GLU A 622 22.36 13.72 -24.28
C GLU A 622 21.07 14.46 -23.89
N TRP A 623 20.73 14.42 -22.60
CA TRP A 623 19.52 15.10 -22.14
C TRP A 623 19.69 15.81 -20.80
N ALA A 624 18.79 16.76 -20.53
CA ALA A 624 18.79 17.52 -19.29
C ALA A 624 17.42 18.12 -19.01
N VAL A 625 17.14 18.36 -17.73
CA VAL A 625 15.93 19.05 -17.30
C VAL A 625 16.34 20.45 -16.83
N THR A 626 15.69 21.47 -17.38
CA THR A 626 16.01 22.85 -17.03
C THR A 626 14.97 23.50 -16.10
N ALA A 627 13.74 23.00 -16.14
CA ALA A 627 12.65 23.50 -15.28
C ALA A 627 11.75 22.35 -14.83
N PRO A 628 11.22 22.39 -13.60
CA PRO A 628 11.36 23.51 -12.65
C PRO A 628 12.76 23.70 -12.07
N VAL A 629 13.51 22.61 -11.92
CA VAL A 629 14.91 22.69 -11.51
C VAL A 629 15.81 22.11 -12.59
N CYS A 630 17.11 22.30 -12.44
CA CYS A 630 18.08 21.74 -13.37
C CYS A 630 18.55 20.38 -12.89
N SER A 631 18.70 19.47 -13.84
CA SER A 631 19.39 18.22 -13.60
C SER A 631 20.81 18.39 -14.13
N ALA A 632 21.64 17.35 -13.96
CA ALA A 632 22.92 17.31 -14.63
C ALA A 632 22.64 16.98 -16.08
N ILE A 633 23.50 17.44 -16.99
CA ILE A 633 23.42 16.99 -18.38
C ILE A 633 23.79 15.52 -18.37
N HIS A 634 22.91 14.70 -18.93
CA HIS A 634 23.06 13.25 -18.88
C HIS A 634 23.83 12.71 -20.07
N ASN A 635 24.57 11.64 -19.83
CA ASN A 635 25.39 10.98 -20.84
C ASN A 635 26.22 11.93 -21.71
N PRO A 636 26.99 12.86 -21.09
CA PRO A 636 27.78 13.77 -21.91
C PRO A 636 28.93 13.05 -22.63
N THR A 637 29.19 13.45 -23.87
CA THR A 637 30.22 12.85 -24.72
C THR A 637 29.94 11.37 -25.02
N GLY A 638 28.73 10.92 -24.69
CA GLY A 638 28.35 9.52 -24.83
C GLY A 638 29.18 8.61 -23.94
N ARG A 639 29.52 9.11 -22.75
CA ARG A 639 30.40 8.40 -21.82
C ARG A 639 29.80 7.10 -21.31
N SER A 640 28.47 7.05 -21.23
CA SER A 640 27.77 5.92 -20.64
C SER A 640 27.03 5.07 -21.66
N TYR A 641 26.62 5.69 -22.77
CA TYR A 641 25.85 5.02 -23.80
C TYR A 641 26.10 5.61 -25.18
N THR A 642 26.48 4.76 -26.12
CA THR A 642 26.57 5.14 -27.54
C THR A 642 26.00 4.06 -28.43
N ILE A 643 25.51 4.46 -29.59
CA ILE A 643 25.18 3.54 -30.66
C ILE A 643 26.27 3.64 -31.73
N GLY A 644 26.96 2.54 -31.98
CA GLY A 644 28.11 2.52 -32.88
C GLY A 644 27.73 2.55 -34.36
N LEU A 645 28.56 3.23 -35.16
CA LEU A 645 28.35 3.33 -36.61
C LEU A 645 29.08 2.25 -37.38
N PRO B 28 -16.81 -25.60 40.28
CA PRO B 28 -18.18 -25.59 39.77
C PRO B 28 -18.29 -26.24 38.38
N PRO B 29 -19.52 -26.65 37.98
CA PRO B 29 -19.71 -27.19 36.62
C PRO B 29 -19.50 -26.11 35.57
N ASN B 30 -18.93 -26.48 34.43
CA ASN B 30 -18.58 -25.55 33.35
C ASN B 30 -17.40 -24.61 33.68
N ALA B 31 -17.16 -24.39 34.99
CA ALA B 31 -16.04 -23.58 35.45
C ALA B 31 -14.71 -24.27 35.17
N PRO B 32 -13.86 -23.64 34.33
CA PRO B 32 -12.57 -24.21 33.91
C PRO B 32 -11.64 -24.53 35.06
N ALA B 33 -10.82 -25.56 34.89
CA ALA B 33 -9.88 -26.01 35.91
C ALA B 33 -8.75 -25.00 36.14
N CYS B 34 -8.40 -24.24 35.10
CA CYS B 34 -7.31 -23.28 35.16
C CYS B 34 -7.67 -21.90 34.57
N MET B 35 -7.02 -20.87 35.09
CA MET B 35 -7.25 -19.49 34.67
C MET B 35 -6.01 -18.89 34.02
N GLU B 36 -6.22 -18.14 32.94
CA GLU B 36 -5.17 -17.48 32.17
C GLU B 36 -4.37 -16.47 33.00
N ARG B 37 -3.08 -16.37 32.71
CA ARG B 37 -2.11 -15.61 33.52
C ARG B 37 -2.39 -14.10 33.62
N GLN B 38 -2.86 -13.50 32.53
CA GLN B 38 -2.98 -12.05 32.46
C GLN B 38 -4.34 -11.52 32.93
N LEU B 39 -4.42 -11.16 34.22
CA LEU B 39 -5.65 -10.62 34.82
C LEU B 39 -5.88 -9.18 34.35
N GLU B 40 -7.05 -8.93 33.77
CA GLU B 40 -7.33 -7.65 33.11
C GLU B 40 -8.22 -6.68 33.90
N ALA B 41 -9.26 -7.19 34.55
CA ALA B 41 -10.20 -6.34 35.29
C ALA B 41 -10.68 -6.95 36.60
N ALA B 42 -11.00 -6.09 37.58
CA ALA B 42 -11.55 -6.51 38.86
C ALA B 42 -12.63 -5.52 39.31
N ARG B 43 -13.83 -6.05 39.57
CA ARG B 43 -14.99 -5.22 39.95
C ARG B 43 -15.78 -5.86 41.09
N TYR B 44 -15.93 -5.12 42.19
CA TYR B 44 -16.78 -5.53 43.30
C TYR B 44 -18.25 -5.23 43.02
N ARG B 45 -19.09 -6.25 43.11
CA ARG B 45 -20.54 -6.09 43.06
C ARG B 45 -20.98 -5.41 44.37
N SER B 46 -22.10 -4.68 44.32
CA SER B 46 -22.57 -3.89 45.46
C SER B 46 -22.89 -4.70 46.72
N ASP B 47 -23.06 -6.02 46.56
CA ASP B 47 -23.34 -6.90 47.70
C ASP B 47 -22.09 -7.53 48.34
N GLY B 48 -20.99 -7.60 47.58
CA GLY B 48 -19.71 -8.08 48.13
C GLY B 48 -18.87 -8.95 47.21
N ALA B 49 -19.51 -9.59 46.22
CA ALA B 49 -18.84 -10.51 45.30
C ALA B 49 -17.76 -9.82 44.45
N LEU B 50 -16.86 -10.61 43.87
CA LEU B 50 -15.80 -10.07 43.03
C LEU B 50 -15.80 -10.70 41.63
N LEU B 51 -15.88 -9.84 40.62
CA LEU B 51 -15.85 -10.27 39.22
C LEU B 51 -14.44 -10.14 38.65
N LEU B 52 -13.98 -11.19 38.00
CA LEU B 52 -12.66 -11.20 37.36
C LEU B 52 -12.72 -11.54 35.88
N GLY B 53 -12.05 -10.71 35.09
CA GLY B 53 -11.82 -11.00 33.68
C GLY B 53 -10.33 -11.13 33.47
N ALA B 54 -9.93 -12.19 32.77
CA ALA B 54 -8.52 -12.45 32.51
C ALA B 54 -8.33 -12.96 31.10
N SER B 55 -7.23 -12.56 30.47
CA SER B 55 -6.89 -12.98 29.12
C SER B 55 -5.60 -13.77 29.10
N SER B 56 -5.41 -14.57 28.05
CA SER B 56 -4.13 -15.19 27.77
C SER B 56 -3.47 -14.38 26.66
N LEU B 57 -2.37 -13.71 27.00
CA LEU B 57 -1.69 -12.84 26.05
C LEU B 57 -0.39 -13.44 25.50
N SER B 58 -0.16 -14.70 25.86
CA SER B 58 0.99 -15.46 25.38
C SER B 58 0.64 -16.95 25.38
N GLY B 59 1.41 -17.74 24.63
CA GLY B 59 1.20 -19.18 24.58
C GLY B 59 0.33 -19.62 23.42
N ARG B 60 0.16 -20.94 23.29
CA ARG B 60 -0.55 -21.57 22.18
C ARG B 60 -1.91 -20.94 21.89
N CYS B 61 -2.71 -20.74 22.95
CA CYS B 61 -4.06 -20.22 22.80
CA CYS B 61 -4.07 -20.23 22.82
C CYS B 61 -4.21 -18.84 23.44
N TRP B 62 -4.66 -17.87 22.63
CA TRP B 62 -4.92 -16.53 23.13
C TRP B 62 -6.41 -16.38 23.40
N ALA B 63 -6.79 -16.50 24.66
CA ALA B 63 -8.21 -16.51 25.02
C ALA B 63 -8.49 -15.66 26.26
N GLY B 64 -9.73 -15.76 26.75
CA GLY B 64 -10.15 -15.05 27.95
C GLY B 64 -11.11 -15.87 28.78
N SER B 65 -11.23 -15.50 30.06
CA SER B 65 -12.14 -16.18 30.98
C SER B 65 -12.82 -15.21 31.94
N LEU B 66 -14.03 -15.58 32.37
CA LEU B 66 -14.78 -14.80 33.34
C LEU B 66 -14.97 -15.59 34.62
N TRP B 67 -14.78 -14.93 35.76
CA TRP B 67 -14.80 -15.58 37.06
C TRP B 67 -15.64 -14.83 38.09
N LEU B 68 -16.28 -15.60 38.98
CA LEU B 68 -17.03 -15.03 40.09
C LEU B 68 -16.50 -15.58 41.42
N PHE B 69 -16.08 -14.67 42.29
CA PHE B 69 -15.53 -15.01 43.59
C PHE B 69 -16.39 -14.43 44.72
N LYS B 70 -17.19 -15.28 45.36
CA LYS B 70 -17.96 -14.85 46.53
C LYS B 70 -17.07 -14.74 47.77
N ASP B 71 -15.89 -15.36 47.70
CA ASP B 71 -14.83 -15.17 48.68
C ASP B 71 -13.74 -14.31 48.04
N PRO B 72 -13.73 -12.99 48.33
CA PRO B 72 -12.74 -12.05 47.80
C PRO B 72 -11.30 -12.42 48.15
N CYS B 73 -11.10 -13.02 49.32
CA CYS B 73 -9.76 -13.43 49.76
C CYS B 73 -9.27 -14.73 49.09
N ALA B 74 -10.19 -15.46 48.47
CA ALA B 74 -9.87 -16.73 47.81
C ALA B 74 -9.15 -16.54 46.47
N ALA B 75 -9.32 -15.37 45.87
CA ALA B 75 -8.72 -15.05 44.56
C ALA B 75 -7.19 -14.97 44.62
N PRO B 76 -6.51 -15.40 43.55
CA PRO B 76 -7.15 -15.85 42.31
C PRO B 76 -7.18 -17.37 42.14
N ASN B 77 -7.55 -18.09 43.20
CA ASN B 77 -7.55 -19.55 43.16
C ASN B 77 -8.76 -20.11 42.40
N GLU B 78 -8.48 -20.87 41.33
CA GLU B 78 -9.52 -21.45 40.48
C GLU B 78 -10.37 -22.50 41.20
N GLY B 79 -9.85 -23.02 42.31
CA GLY B 79 -10.54 -24.03 43.11
C GLY B 79 -11.53 -23.49 44.11
N PHE B 80 -11.38 -22.21 44.48
CA PHE B 80 -12.28 -21.57 45.44
C PHE B 80 -13.11 -20.43 44.80
N CYS B 81 -13.67 -20.70 43.63
CA CYS B 81 -14.52 -19.73 42.95
C CYS B 81 -15.97 -20.20 42.89
N SER B 82 -16.90 -19.25 42.82
CA SER B 82 -18.33 -19.56 42.78
C SER B 82 -18.80 -19.94 41.38
N ALA B 83 -18.27 -19.26 40.36
CA ALA B 83 -18.64 -19.53 38.95
C ALA B 83 -17.46 -19.29 38.01
N GLY B 84 -17.57 -19.83 36.78
CA GLY B 84 -16.51 -19.67 35.78
C GLY B 84 -16.94 -20.04 34.37
N VAL B 85 -16.25 -19.46 33.39
CA VAL B 85 -16.50 -19.74 31.96
C VAL B 85 -15.34 -19.29 31.08
N GLN B 86 -15.15 -19.98 29.95
CA GLN B 86 -14.17 -19.60 28.94
C GLN B 86 -14.83 -18.74 27.87
N THR B 87 -14.08 -17.75 27.37
CA THR B 87 -14.52 -16.97 26.21
C THR B 87 -13.65 -17.28 25.01
N GLU B 88 -14.21 -17.12 23.80
CA GLU B 88 -13.51 -17.40 22.55
C GLU B 88 -12.15 -16.70 22.46
N ALA B 89 -12.14 -15.40 22.75
CA ALA B 89 -10.92 -14.60 22.70
C ALA B 89 -10.69 -13.87 24.03
N GLY B 90 -9.57 -13.15 24.12
CA GLY B 90 -9.20 -12.41 25.32
C GLY B 90 -10.20 -11.37 25.79
N VAL B 91 -9.96 -10.87 27.00
CA VAL B 91 -10.81 -9.85 27.59
C VAL B 91 -10.01 -8.55 27.66
N ALA B 92 -10.42 -7.58 26.85
CA ALA B 92 -9.78 -6.26 26.84
C ALA B 92 -10.31 -5.39 27.96
N ASP B 93 -11.63 -5.40 28.13
CA ASP B 93 -12.30 -4.70 29.22
C ASP B 93 -13.64 -5.37 29.51
N LEU B 94 -14.14 -5.16 30.74
CA LEU B 94 -15.47 -5.62 31.13
C LEU B 94 -16.12 -4.64 32.10
N THR B 95 -17.42 -4.80 32.33
CA THR B 95 -18.13 -4.05 33.37
C THR B 95 -19.33 -4.80 33.94
N TRP B 96 -19.61 -4.55 35.22
CA TRP B 96 -20.84 -5.03 35.86
C TRP B 96 -22.04 -4.35 35.23
N VAL B 97 -22.99 -5.15 34.76
CA VAL B 97 -24.30 -4.63 34.36
C VAL B 97 -25.31 -5.09 35.39
N GLY B 98 -25.80 -4.15 36.19
CA GLY B 98 -26.68 -4.48 37.30
C GLY B 98 -25.99 -5.34 38.32
N GLU B 99 -26.57 -6.50 38.60
CA GLU B 99 -26.10 -7.37 39.68
C GLU B 99 -25.79 -8.78 39.18
N ARG B 100 -26.34 -9.14 38.02
CA ARG B 100 -26.12 -10.47 37.43
C ARG B 100 -25.48 -10.44 36.04
N GLY B 101 -25.65 -9.33 35.32
CA GLY B 101 -25.13 -9.20 33.96
C GLY B 101 -23.66 -8.79 33.90
N ILE B 102 -22.93 -9.40 32.97
CA ILE B 102 -21.52 -9.09 32.74
C ILE B 102 -21.33 -8.66 31.29
N LEU B 103 -20.81 -7.45 31.11
CA LEU B 103 -20.59 -6.89 29.77
C LEU B 103 -19.11 -6.93 29.39
N VAL B 104 -18.81 -7.52 28.23
CA VAL B 104 -17.43 -7.84 27.85
C VAL B 104 -17.01 -7.24 26.51
N ALA B 105 -15.84 -6.61 26.50
CA ALA B 105 -15.21 -6.11 25.28
C ALA B 105 -14.17 -7.12 24.80
N SER B 106 -14.53 -7.87 23.76
CA SER B 106 -13.71 -8.98 23.26
C SER B 106 -12.70 -8.53 22.21
N ASP B 107 -11.53 -9.17 22.23
CA ASP B 107 -10.51 -9.00 21.20
C ASP B 107 -11.06 -9.23 19.80
N SER B 108 -12.06 -10.10 19.70
CA SER B 108 -12.65 -10.53 18.44
C SER B 108 -13.34 -9.40 17.67
N GLY B 109 -13.50 -8.25 18.31
CA GLY B 109 -14.24 -7.13 17.71
C GLY B 109 -15.69 -7.18 18.13
N ALA B 110 -16.00 -8.05 19.09
CA ALA B 110 -17.36 -8.24 19.55
C ALA B 110 -17.56 -7.69 20.96
N VAL B 111 -18.73 -7.11 21.17
CA VAL B 111 -19.22 -6.79 22.51
C VAL B 111 -20.19 -7.91 22.84
N GLU B 112 -20.02 -8.53 24.00
CA GLU B 112 -20.93 -9.59 24.43
C GLU B 112 -21.37 -9.48 25.90
N LEU B 113 -22.65 -9.73 26.13
CA LEU B 113 -23.23 -9.73 27.46
C LEU B 113 -23.32 -11.16 27.99
N TRP B 114 -22.87 -11.34 29.21
CA TRP B 114 -22.90 -12.64 29.86
C TRP B 114 -23.87 -12.63 31.03
N GLU B 115 -24.87 -13.51 30.95
CA GLU B 115 -25.91 -13.63 31.95
C GLU B 115 -25.51 -14.62 33.05
N LEU B 116 -25.75 -14.24 34.30
CA LEU B 116 -25.43 -15.09 35.45
C LEU B 116 -26.59 -16.04 35.76
N ASP B 117 -26.27 -17.12 36.46
CA ASP B 117 -27.27 -18.11 36.87
C ASP B 117 -28.12 -17.57 38.01
N GLU B 118 -29.32 -18.13 38.17
CA GLU B 118 -30.19 -17.82 39.30
C GLU B 118 -29.57 -18.34 40.59
N ASN B 119 -28.90 -19.49 40.48
CA ASN B 119 -28.12 -20.08 41.58
C ASN B 119 -26.79 -19.37 41.74
N GLU B 120 -26.35 -18.73 40.66
CA GLU B 120 -25.05 -18.04 40.57
C GLU B 120 -23.87 -19.01 40.67
N THR B 121 -23.92 -20.03 39.82
CA THR B 121 -22.89 -21.07 39.73
C THR B 121 -22.53 -21.32 38.27
N LEU B 122 -23.31 -20.73 37.37
CA LEU B 122 -23.13 -20.89 35.93
C LEU B 122 -23.11 -19.52 35.26
N ILE B 123 -22.12 -19.28 34.41
CA ILE B 123 -22.08 -18.04 33.60
C ILE B 123 -22.38 -18.39 32.15
N VAL B 124 -23.50 -17.87 31.65
CA VAL B 124 -23.98 -18.19 30.31
C VAL B 124 -24.03 -16.94 29.42
N SER B 125 -23.77 -17.13 28.12
CA SER B 125 -23.75 -16.02 27.18
C SER B 125 -25.18 -15.57 26.83
N LYS B 126 -25.40 -14.26 26.91
CA LYS B 126 -26.69 -13.67 26.55
C LYS B 126 -26.69 -13.33 25.06
N PHE B 127 -25.90 -12.33 24.67
CA PHE B 127 -25.68 -12.02 23.25
C PHE B 127 -24.19 -11.87 22.94
N CYS B 128 -23.87 -11.91 21.65
CA CYS B 128 -22.51 -11.74 21.17
C CYS B 128 -22.57 -11.14 19.77
N LYS B 129 -22.32 -9.84 19.67
CA LYS B 129 -22.44 -9.13 18.39
C LYS B 129 -21.11 -8.57 17.88
N TYR B 130 -20.71 -9.05 16.71
CA TYR B 130 -19.50 -8.58 16.06
C TYR B 130 -19.82 -7.34 15.24
N GLU B 131 -19.74 -6.19 15.90
CA GLU B 131 -20.08 -4.92 15.26
C GLU B 131 -18.86 -4.01 15.03
N HIS B 132 -17.87 -4.09 15.91
CA HIS B 132 -16.60 -3.41 15.71
C HIS B 132 -15.73 -4.18 14.72
N ASP B 133 -14.78 -3.48 14.11
CA ASP B 133 -13.90 -4.07 13.10
C ASP B 133 -12.56 -4.53 13.66
N ASP B 134 -12.01 -3.72 14.57
CA ASP B 134 -10.80 -4.10 15.28
C ASP B 134 -11.19 -4.44 16.73
N ILE B 135 -10.18 -4.69 17.57
CA ILE B 135 -10.37 -5.05 18.97
C ILE B 135 -11.24 -4.02 19.70
N VAL B 136 -12.30 -4.50 20.37
CA VAL B 136 -13.07 -3.66 21.28
C VAL B 136 -12.23 -3.51 22.55
N SER B 137 -11.83 -2.28 22.84
CA SER B 137 -10.82 -2.02 23.86
C SER B 137 -11.34 -1.45 25.16
N THR B 138 -12.53 -0.83 25.12
CA THR B 138 -13.13 -0.22 26.31
C THR B 138 -14.66 -0.24 26.29
N VAL B 139 -15.26 -0.44 27.46
CA VAL B 139 -16.72 -0.48 27.59
C VAL B 139 -17.19 0.14 28.91
N SER B 140 -18.32 0.83 28.85
CA SER B 140 -18.95 1.41 30.03
C SER B 140 -20.47 1.31 29.91
N VAL B 141 -21.14 1.20 31.06
CA VAL B 141 -22.60 1.16 31.09
C VAL B 141 -23.18 2.51 31.53
N LEU B 142 -24.19 2.98 30.79
CA LEU B 142 -24.85 4.26 31.07
C LEU B 142 -25.76 4.13 32.30
N SER B 143 -26.02 5.25 32.95
CA SER B 143 -26.70 5.28 34.26
C SER B 143 -27.95 4.42 34.39
N SER B 144 -28.81 4.42 33.38
CA SER B 144 -30.05 3.63 33.40
C SER B 144 -29.78 2.14 33.59
N GLY B 145 -28.81 1.62 32.85
CA GLY B 145 -28.43 0.21 32.93
C GLY B 145 -29.11 -0.64 31.87
N THR B 146 -29.72 0.01 30.88
CA THR B 146 -30.32 -0.67 29.73
C THR B 146 -29.53 -0.36 28.46
N GLN B 147 -28.65 0.62 28.57
CA GLN B 147 -27.83 1.08 27.46
C GLN B 147 -26.36 1.21 27.87
N ALA B 148 -25.47 0.84 26.95
CA ALA B 148 -24.03 0.87 27.19
C ALA B 148 -23.27 1.42 25.97
N VAL B 149 -22.10 1.97 26.23
CA VAL B 149 -21.27 2.56 25.18
C VAL B 149 -19.87 1.92 25.12
N SER B 150 -19.47 1.51 23.91
CA SER B 150 -18.20 0.81 23.70
C SER B 150 -17.26 1.56 22.78
N GLY B 151 -15.99 1.63 23.17
CA GLY B 151 -14.94 2.23 22.34
C GLY B 151 -13.96 1.18 21.86
N SER B 152 -13.45 1.36 20.64
CA SER B 152 -12.61 0.34 20.01
C SER B 152 -11.44 0.94 19.22
N LYS B 153 -10.53 0.06 18.79
CA LYS B 153 -9.37 0.43 17.99
C LYS B 153 -9.77 0.87 16.57
N ASP B 154 -10.92 0.38 16.10
CA ASP B 154 -11.45 0.75 14.78
C ASP B 154 -11.80 2.24 14.71
N ILE B 155 -11.61 2.94 15.83
CA ILE B 155 -11.83 4.39 15.95
C ILE B 155 -13.29 4.75 16.25
N CYS B 156 -14.20 3.80 16.03
CA CYS B 156 -15.63 4.00 16.27
C CYS B 156 -16.05 3.89 17.73
N ILE B 157 -17.11 4.61 18.09
CA ILE B 157 -17.78 4.44 19.37
C ILE B 157 -19.26 4.11 19.11
N LYS B 158 -19.76 3.08 19.79
CA LYS B 158 -21.12 2.58 19.54
C LYS B 158 -22.00 2.58 20.79
N VAL B 159 -23.25 3.00 20.63
CA VAL B 159 -24.24 2.98 21.70
C VAL B 159 -25.16 1.77 21.56
N TRP B 160 -25.26 0.99 22.64
CA TRP B 160 -25.92 -0.31 22.60
C TRP B 160 -27.23 -0.35 23.38
N ASP B 161 -28.20 -1.07 22.83
CA ASP B 161 -29.41 -1.44 23.55
C ASP B 161 -29.19 -2.84 24.12
N LEU B 162 -29.02 -2.93 25.44
CA LEU B 162 -28.68 -4.20 26.09
C LEU B 162 -29.86 -5.18 26.10
N ALA B 163 -31.06 -4.66 26.32
CA ALA B 163 -32.27 -5.47 26.30
C ALA B 163 -32.59 -6.00 24.90
N GLN B 164 -32.30 -5.19 23.88
CA GLN B 164 -32.66 -5.53 22.50
C GLN B 164 -31.48 -6.03 21.66
N GLN B 165 -30.28 -5.97 22.23
CA GLN B 165 -29.06 -6.53 21.62
C GLN B 165 -28.70 -5.93 20.26
N VAL B 166 -28.85 -4.62 20.14
CA VAL B 166 -28.53 -3.91 18.89
C VAL B 166 -27.76 -2.62 19.13
N VAL B 167 -27.19 -2.08 18.04
CA VAL B 167 -26.52 -0.78 18.07
C VAL B 167 -27.52 0.28 17.61
N LEU B 168 -27.78 1.26 18.47
CA LEU B 168 -28.68 2.36 18.13
C LEU B 168 -27.93 3.45 17.36
N SER B 169 -26.69 3.70 17.76
CA SER B 169 -25.88 4.77 17.20
C SER B 169 -24.43 4.35 17.03
N SER B 170 -23.85 4.71 15.89
CA SER B 170 -22.43 4.50 15.63
C SER B 170 -21.73 5.83 15.34
N TYR B 171 -20.68 6.12 16.10
CA TYR B 171 -19.99 7.40 16.00
C TYR B 171 -18.51 7.28 15.65
N ARG B 172 -18.16 7.65 14.42
CA ARG B 172 -16.77 7.76 14.03
C ARG B 172 -16.35 9.22 14.21
N ALA B 173 -15.90 9.54 15.43
CA ALA B 173 -15.62 10.92 15.81
C ALA B 173 -14.13 11.20 15.99
N HIS B 174 -13.38 10.17 16.40
CA HIS B 174 -11.94 10.29 16.62
C HIS B 174 -11.15 10.02 15.34
N ALA B 175 -9.83 10.14 15.44
CA ALA B 175 -8.93 9.91 14.31
C ALA B 175 -7.97 8.76 14.59
N ALA B 176 -7.90 8.35 15.85
CA ALA B 176 -7.06 7.22 16.28
C ALA B 176 -7.89 6.25 17.13
N GLN B 177 -7.24 5.20 17.61
CA GLN B 177 -7.91 4.18 18.44
C GLN B 177 -8.45 4.78 19.73
N VAL B 178 -9.67 4.39 20.09
CA VAL B 178 -10.33 4.90 21.29
C VAL B 178 -9.81 4.18 22.52
N THR B 179 -9.16 4.92 23.41
CA THR B 179 -8.49 4.34 24.57
C THR B 179 -9.46 4.00 25.70
N CYS B 180 -10.35 4.94 26.01
CA CYS B 180 -11.21 4.83 27.19
C CYS B 180 -12.55 5.54 26.98
N VAL B 181 -13.63 4.85 27.32
CA VAL B 181 -14.96 5.48 27.37
C VAL B 181 -15.57 5.34 28.75
N ALA B 182 -16.03 6.45 29.31
CA ALA B 182 -16.62 6.45 30.65
C ALA B 182 -17.95 7.19 30.67
N ALA B 183 -19.03 6.44 30.91
CA ALA B 183 -20.37 7.00 31.04
C ALA B 183 -20.48 7.90 32.26
N SER B 184 -21.27 8.97 32.14
CA SER B 184 -21.52 9.84 33.28
C SER B 184 -22.33 9.09 34.34
N PRO B 185 -22.13 9.43 35.63
CA PRO B 185 -22.76 8.70 36.73
C PRO B 185 -24.29 8.66 36.65
N HIS B 186 -24.91 9.77 36.29
CA HIS B 186 -26.37 9.92 36.41
C HIS B 186 -27.13 10.23 35.12
N LYS B 187 -26.53 11.03 34.25
CA LYS B 187 -27.18 11.38 32.98
C LYS B 187 -26.95 10.29 31.95
N ASP B 188 -28.05 9.72 31.46
CA ASP B 188 -28.04 8.53 30.60
C ASP B 188 -27.60 8.81 29.15
N SER B 189 -27.33 10.07 28.85
CA SER B 189 -27.03 10.49 27.49
C SER B 189 -25.68 11.20 27.40
N VAL B 190 -24.93 11.15 28.50
CA VAL B 190 -23.65 11.85 28.59
C VAL B 190 -22.51 10.89 28.96
N PHE B 191 -21.39 11.01 28.26
CA PHE B 191 -20.18 10.23 28.54
C PHE B 191 -18.92 10.87 27.98
N LEU B 192 -17.80 10.61 28.64
CA LEU B 192 -16.50 11.06 28.15
C LEU B 192 -15.90 9.98 27.26
N SER B 193 -14.96 10.38 26.41
CA SER B 193 -14.15 9.44 25.63
C SER B 193 -12.83 10.11 25.21
N CYS B 194 -11.73 9.37 25.35
CA CYS B 194 -10.43 9.87 24.92
C CYS B 194 -9.76 8.88 23.98
N SER B 195 -8.88 9.41 23.13
CA SER B 195 -8.23 8.61 22.09
C SER B 195 -6.81 9.09 21.83
N GLU B 196 -6.07 8.30 21.07
CA GLU B 196 -4.68 8.62 20.74
C GLU B 196 -4.55 9.79 19.75
N ASP B 197 -5.67 10.32 19.28
CA ASP B 197 -5.67 11.52 18.46
C ASP B 197 -5.64 12.77 19.35
N ASN B 198 -5.25 12.57 20.61
CA ASN B 198 -5.15 13.63 21.62
C ASN B 198 -6.47 14.35 21.95
N ARG B 199 -7.59 13.78 21.52
CA ARG B 199 -8.90 14.36 21.78
C ARG B 199 -9.55 13.77 23.03
N ILE B 200 -10.09 14.65 23.87
CA ILE B 200 -11.03 14.24 24.91
C ILE B 200 -12.40 14.79 24.53
N LEU B 201 -13.37 13.91 24.38
CA LEU B 201 -14.70 14.30 23.92
C LEU B 201 -15.75 14.15 25.01
N LEU B 202 -16.42 15.26 25.30
CA LEU B 202 -17.61 15.24 26.16
C LEU B 202 -18.80 15.00 25.26
N TRP B 203 -19.54 13.93 25.56
CA TRP B 203 -20.65 13.53 24.72
C TRP B 203 -21.99 13.90 25.31
N ASP B 204 -22.96 14.13 24.43
CA ASP B 204 -24.34 14.41 24.81
C ASP B 204 -25.21 14.08 23.60
N THR B 205 -25.77 12.87 23.60
CA THR B 205 -26.59 12.39 22.47
C THR B 205 -27.83 13.24 22.21
N ARG B 206 -28.09 14.21 23.09
CA ARG B 206 -29.22 15.12 22.95
C ARG B 206 -28.98 16.20 21.87
N CYS B 207 -27.73 16.60 21.69
CA CYS B 207 -27.34 17.59 20.68
C CYS B 207 -27.34 16.98 19.28
N PRO B 208 -27.46 17.83 18.23
CA PRO B 208 -27.34 17.33 16.86
C PRO B 208 -25.91 16.90 16.53
N LYS B 209 -24.94 17.69 17.01
CA LYS B 209 -23.53 17.29 17.03
C LYS B 209 -23.21 16.81 18.45
N PRO B 210 -23.28 15.47 18.67
CA PRO B 210 -23.19 14.88 20.00
C PRO B 210 -21.89 15.16 20.72
N ALA B 211 -20.78 15.11 19.99
CA ALA B 211 -19.47 15.27 20.59
C ALA B 211 -19.07 16.73 20.76
N SER B 212 -18.26 17.00 21.78
CA SER B 212 -17.68 18.31 22.00
C SER B 212 -16.24 18.13 22.48
N GLN B 213 -15.32 18.83 21.83
CA GLN B 213 -13.90 18.70 22.12
C GLN B 213 -13.51 19.47 23.37
N ILE B 214 -13.44 18.76 24.49
CA ILE B 214 -12.97 19.35 25.75
C ILE B 214 -11.45 19.19 25.87
N GLY B 215 -10.76 20.32 25.81
CA GLY B 215 -9.31 20.34 25.89
C GLY B 215 -8.83 21.10 27.11
N CYS B 216 -8.00 20.45 27.91
CA CYS B 216 -7.41 21.05 29.10
C CYS B 216 -6.31 22.03 28.68
N SER B 217 -5.42 21.54 27.83
CA SER B 217 -4.45 22.36 27.11
C SER B 217 -4.48 21.95 25.63
N ALA B 218 -4.04 22.85 24.76
CA ALA B 218 -4.01 22.56 23.32
C ALA B 218 -3.01 21.43 22.97
N PRO B 219 -1.75 21.52 23.46
CA PRO B 219 -0.85 20.37 23.31
C PRO B 219 -0.62 19.61 24.63
N GLY B 220 -0.95 18.33 24.63
CA GLY B 220 -0.72 17.50 25.82
C GLY B 220 -0.35 16.08 25.42
N TYR B 221 0.30 15.37 26.34
CA TYR B 221 0.57 13.94 26.16
C TYR B 221 -0.75 13.19 26.13
N LEU B 222 -0.83 12.19 25.26
CA LEU B 222 -2.10 11.52 24.94
C LEU B 222 -2.85 11.01 26.18
N PRO B 223 -4.15 11.37 26.28
CA PRO B 223 -5.01 10.89 27.36
C PRO B 223 -5.22 9.37 27.26
N THR B 224 -5.28 8.70 28.40
CA THR B 224 -5.37 7.24 28.43
C THR B 224 -6.46 6.69 29.36
N SER B 225 -6.73 7.41 30.45
CA SER B 225 -7.70 6.98 31.44
C SER B 225 -8.67 8.10 31.84
N LEU B 226 -9.91 7.72 32.14
CA LEU B 226 -10.97 8.66 32.49
C LEU B 226 -11.83 8.19 33.66
N ALA B 227 -12.17 9.13 34.55
CA ALA B 227 -13.05 8.86 35.68
C ALA B 227 -13.82 10.11 36.10
N TRP B 228 -15.15 9.99 36.11
CA TRP B 228 -16.01 11.05 36.63
C TRP B 228 -15.89 11.15 38.14
N HIS B 229 -16.12 12.33 38.68
CA HIS B 229 -16.29 12.50 40.12
C HIS B 229 -17.67 11.96 40.47
N PRO B 230 -17.76 11.12 41.52
CA PRO B 230 -19.02 10.42 41.80
C PRO B 230 -20.12 11.33 42.36
N GLN B 231 -19.74 12.46 42.95
CA GLN B 231 -20.70 13.43 43.47
C GLN B 231 -21.07 14.50 42.44
N GLN B 232 -20.06 15.20 41.93
CA GLN B 232 -20.28 16.29 40.98
C GLN B 232 -20.22 15.79 39.53
N SER B 233 -21.34 15.89 38.82
CA SER B 233 -21.42 15.47 37.42
C SER B 233 -20.82 16.51 36.47
N GLU B 234 -20.06 17.44 37.02
CA GLU B 234 -19.44 18.51 36.23
C GLU B 234 -17.91 18.46 36.24
N VAL B 235 -17.34 17.60 37.09
CA VAL B 235 -15.89 17.42 37.15
C VAL B 235 -15.45 15.98 36.92
N PHE B 236 -14.27 15.83 36.32
CA PHE B 236 -13.68 14.52 36.06
C PHE B 236 -12.15 14.58 36.13
N VAL B 237 -11.51 13.42 36.11
CA VAL B 237 -10.06 13.32 36.06
C VAL B 237 -9.59 12.52 34.85
N PHE B 238 -8.40 12.85 34.34
CA PHE B 238 -7.80 12.11 33.23
C PHE B 238 -6.29 11.94 33.39
N GLY B 239 -5.83 10.71 33.19
CA GLY B 239 -4.41 10.40 33.24
C GLY B 239 -3.84 10.27 31.84
N ASP B 240 -2.71 10.94 31.60
CA ASP B 240 -2.07 10.88 30.30
C ASP B 240 -1.07 9.71 30.23
N GLU B 241 -0.48 9.52 29.04
CA GLU B 241 0.53 8.50 28.81
C GLU B 241 1.84 8.79 29.54
N ASN B 242 1.93 9.97 30.16
CA ASN B 242 3.16 10.44 30.77
C ASN B 242 3.23 10.22 32.28
N GLY B 243 2.11 9.81 32.87
CA GLY B 243 2.04 9.62 34.32
C GLY B 243 1.62 10.87 35.06
N THR B 244 0.75 11.66 34.44
CA THR B 244 0.23 12.88 35.03
C THR B 244 -1.29 12.81 35.09
N VAL B 245 -1.82 12.82 36.31
CA VAL B 245 -3.26 12.83 36.51
C VAL B 245 -3.72 14.28 36.64
N SER B 246 -4.70 14.64 35.83
CA SER B 246 -5.21 16.01 35.81
C SER B 246 -6.70 16.08 36.12
N LEU B 247 -7.07 17.07 36.93
CA LEU B 247 -8.45 17.30 37.36
C LEU B 247 -9.08 18.42 36.55
N VAL B 248 -10.19 18.12 35.90
CA VAL B 248 -10.83 19.08 34.98
C VAL B 248 -12.24 19.46 35.41
N ASP B 249 -12.60 20.71 35.14
CA ASP B 249 -13.97 21.19 35.25
C ASP B 249 -14.51 21.38 33.82
N THR B 250 -15.69 20.83 33.55
CA THR B 250 -16.27 20.89 32.20
C THR B 250 -16.64 22.32 31.79
N LYS B 251 -17.24 23.08 32.72
CA LYS B 251 -17.71 24.43 32.44
C LYS B 251 -16.56 25.45 32.30
N SER B 252 -15.60 25.40 33.22
CA SER B 252 -14.46 26.32 33.22
C SER B 252 -13.47 26.01 32.10
N THR B 253 -13.39 24.73 31.73
CA THR B 253 -12.59 24.25 30.59
C THR B 253 -11.10 24.59 30.71
N SER B 254 -10.58 24.48 31.93
CA SER B 254 -9.16 24.67 32.21
C SER B 254 -8.67 23.62 33.22
N CYS B 255 -7.41 23.20 33.06
CA CYS B 255 -6.78 22.30 34.02
C CYS B 255 -6.68 22.96 35.38
N VAL B 256 -7.62 22.61 36.26
CA VAL B 256 -7.64 23.16 37.62
C VAL B 256 -6.37 22.72 38.35
N LEU B 257 -6.05 21.43 38.28
CA LEU B 257 -4.91 20.88 39.00
C LEU B 257 -4.39 19.58 38.37
N SER B 258 -3.08 19.37 38.52
CA SER B 258 -2.42 18.18 37.99
C SER B 258 -1.20 17.83 38.85
N SER B 259 -0.77 16.56 38.79
CA SER B 259 0.41 16.11 39.52
C SER B 259 1.09 14.94 38.81
N ALA B 260 2.42 14.95 38.84
CA ALA B 260 3.22 13.84 38.32
C ALA B 260 3.17 12.67 39.31
N VAL B 261 2.13 11.86 39.19
CA VAL B 261 1.85 10.77 40.11
C VAL B 261 2.64 9.51 39.74
N HIS B 262 2.65 9.19 38.45
CA HIS B 262 3.31 7.99 37.94
C HIS B 262 4.50 8.30 37.03
N SER B 263 5.34 7.30 36.82
CA SER B 263 6.49 7.40 35.93
C SER B 263 6.21 6.72 34.58
N GLN B 264 5.00 6.19 34.43
CA GLN B 264 4.59 5.48 33.23
C GLN B 264 3.15 5.84 32.87
N CYS B 265 2.66 5.26 31.77
CA CYS B 265 1.32 5.50 31.27
C CYS B 265 0.24 5.19 32.31
N VAL B 266 -0.58 6.18 32.65
CA VAL B 266 -1.68 6.01 33.61
C VAL B 266 -2.82 5.22 32.96
N THR B 267 -3.03 4.01 33.45
CA THR B 267 -3.90 3.03 32.79
C THR B 267 -5.32 2.96 33.35
N GLY B 268 -5.51 3.49 34.56
CA GLY B 268 -6.83 3.48 35.17
C GLY B 268 -6.99 4.44 36.33
N LEU B 269 -8.21 4.94 36.49
CA LEU B 269 -8.58 5.83 37.59
C LEU B 269 -9.90 5.40 38.21
N VAL B 270 -9.91 5.21 39.52
CA VAL B 270 -11.12 4.81 40.25
C VAL B 270 -11.29 5.65 41.53
N PHE B 271 -12.51 6.16 41.73
CA PHE B 271 -12.85 6.90 42.95
C PHE B 271 -13.42 5.98 44.03
N SER B 272 -13.06 6.23 45.27
CA SER B 272 -13.60 5.49 46.41
C SER B 272 -15.05 5.88 46.69
N PRO B 273 -15.84 4.97 47.31
CA PRO B 273 -17.25 5.24 47.56
C PRO B 273 -17.48 6.23 48.72
N HIS B 274 -16.38 6.75 49.27
CA HIS B 274 -16.40 7.69 50.40
C HIS B 274 -17.20 8.97 50.13
N SER B 275 -17.69 9.58 51.21
CA SER B 275 -18.41 10.86 51.14
C SER B 275 -17.54 11.91 50.45
N VAL B 276 -16.38 12.17 51.03
CA VAL B 276 -15.30 12.87 50.33
C VAL B 276 -14.33 11.80 49.79
N PRO B 277 -14.36 11.55 48.47
CA PRO B 277 -13.73 10.36 47.91
C PRO B 277 -12.24 10.50 47.61
N PHE B 278 -11.54 9.37 47.65
CA PHE B 278 -10.13 9.28 47.26
C PHE B 278 -10.04 8.81 45.82
N LEU B 279 -8.90 9.07 45.19
CA LEU B 279 -8.67 8.60 43.84
C LEU B 279 -7.59 7.52 43.80
N ALA B 280 -8.00 6.33 43.35
CA ALA B 280 -7.08 5.23 43.07
C ALA B 280 -6.49 5.43 41.67
N SER B 281 -5.20 5.11 41.53
CA SER B 281 -4.45 5.42 40.32
C SER B 281 -3.58 4.24 39.84
N LEU B 282 -3.83 3.81 38.62
CA LEU B 282 -3.14 2.66 38.01
C LEU B 282 -2.13 3.09 36.96
N SER B 283 -1.08 2.31 36.78
CA SER B 283 -0.04 2.63 35.81
C SER B 283 0.74 1.42 35.30
N GLU B 284 1.67 1.67 34.38
CA GLU B 284 2.54 0.64 33.84
C GLU B 284 3.89 0.61 34.55
N ASP B 285 4.01 1.41 35.59
CA ASP B 285 5.18 1.36 36.48
C ASP B 285 4.91 0.39 37.64
N CYS B 286 3.86 -0.41 37.49
CA CYS B 286 3.53 -1.51 38.40
C CYS B 286 3.13 -1.06 39.81
N SER B 287 2.92 0.25 39.97
CA SER B 287 2.61 0.82 41.27
C SER B 287 1.15 1.23 41.40
N LEU B 288 0.70 1.37 42.64
CA LEU B 288 -0.62 1.89 42.95
C LEU B 288 -0.48 3.22 43.67
N ALA B 289 -1.43 4.12 43.42
CA ALA B 289 -1.47 5.40 44.11
C ALA B 289 -2.90 5.72 44.54
N VAL B 290 -3.02 6.21 45.78
CA VAL B 290 -4.30 6.71 46.29
C VAL B 290 -4.11 8.19 46.63
N LEU B 291 -5.01 9.03 46.11
CA LEU B 291 -4.80 10.47 46.12
C LEU B 291 -5.89 11.30 46.83
N ASP B 292 -5.46 12.46 47.32
CA ASP B 292 -6.32 13.46 47.93
C ASP B 292 -7.35 14.01 46.92
N SER B 293 -8.20 14.92 47.38
CA SER B 293 -9.09 15.67 46.48
C SER B 293 -8.27 16.68 45.70
N SER B 294 -7.16 17.12 46.30
CA SER B 294 -6.21 18.03 45.68
C SER B 294 -5.06 17.26 45.01
N LEU B 295 -5.26 15.96 44.85
CA LEU B 295 -4.33 15.07 44.13
C LEU B 295 -2.95 14.91 44.76
N SER B 296 -2.89 15.02 46.09
CA SER B 296 -1.67 14.74 46.84
C SER B 296 -1.62 13.25 47.18
N GLU B 297 -0.42 12.70 47.29
CA GLU B 297 -0.23 11.26 47.52
C GLU B 297 -0.48 10.85 48.97
N LEU B 298 -1.35 9.88 49.15
CA LEU B 298 -1.68 9.32 50.46
C LEU B 298 -1.05 7.95 50.64
N PHE B 299 -1.35 7.05 49.70
CA PHE B 299 -0.89 5.67 49.74
C PHE B 299 -0.11 5.31 48.47
N ARG B 300 0.81 4.36 48.60
CA ARG B 300 1.58 3.85 47.47
C ARG B 300 1.97 2.39 47.69
N SER B 301 1.84 1.57 46.65
CA SER B 301 2.10 0.13 46.77
C SER B 301 2.74 -0.48 45.51
N GLN B 302 3.93 -1.06 45.69
CA GLN B 302 4.64 -1.76 44.61
C GLN B 302 4.47 -3.26 44.72
N ALA B 303 3.41 -3.69 45.40
CA ALA B 303 3.11 -5.11 45.62
C ALA B 303 3.04 -5.92 44.32
N HIS B 304 2.79 -5.23 43.22
CA HIS B 304 2.76 -5.86 41.90
C HIS B 304 4.14 -5.86 41.24
N ARG B 305 4.44 -6.96 40.54
CA ARG B 305 5.70 -7.12 39.81
C ARG B 305 5.50 -6.92 38.30
N ASP B 306 4.23 -6.81 37.89
CA ASP B 306 3.87 -6.54 36.50
C ASP B 306 2.85 -5.39 36.46
N PHE B 307 2.33 -5.07 35.28
CA PHE B 307 1.40 -3.94 35.11
C PHE B 307 0.18 -4.04 36.01
N VAL B 308 -0.20 -2.91 36.61
CA VAL B 308 -1.45 -2.80 37.38
C VAL B 308 -2.61 -2.55 36.41
N ARG B 309 -3.60 -3.42 36.44
CA ARG B 309 -4.63 -3.45 35.40
C ARG B 309 -5.99 -2.85 35.76
N ASP B 310 -6.42 -3.04 37.01
CA ASP B 310 -7.69 -2.51 37.49
C ASP B 310 -7.65 -2.23 38.99
N ALA B 311 -8.66 -1.50 39.48
CA ALA B 311 -8.85 -1.27 40.90
C ALA B 311 -10.34 -1.27 41.23
N THR B 312 -10.68 -1.80 42.40
CA THR B 312 -12.07 -1.89 42.83
C THR B 312 -12.19 -1.74 44.35
N TRP B 313 -13.06 -0.82 44.78
CA TRP B 313 -13.29 -0.58 46.20
C TRP B 313 -14.35 -1.52 46.75
N SER B 314 -14.08 -2.07 47.94
CA SER B 314 -15.02 -2.98 48.59
C SER B 314 -16.26 -2.23 49.07
N PRO B 315 -17.45 -2.73 48.69
CA PRO B 315 -18.72 -2.12 49.11
C PRO B 315 -18.93 -2.29 50.61
N LEU B 316 -18.46 -3.42 51.15
CA LEU B 316 -18.61 -3.76 52.55
C LEU B 316 -17.60 -2.98 53.40
N ASN B 317 -16.32 -3.07 53.05
CA ASN B 317 -15.28 -2.30 53.73
C ASN B 317 -14.67 -1.24 52.82
N HIS B 318 -15.08 0.01 53.01
CA HIS B 318 -14.65 1.13 52.19
C HIS B 318 -13.14 1.37 52.17
N SER B 319 -12.47 1.06 53.28
CA SER B 319 -11.02 1.22 53.37
C SER B 319 -10.25 0.03 52.76
N LEU B 320 -10.99 -0.91 52.17
CA LEU B 320 -10.39 -2.07 51.51
C LEU B 320 -10.44 -1.90 49.99
N LEU B 321 -9.27 -2.09 49.35
CA LEU B 321 -9.13 -1.90 47.90
C LEU B 321 -8.39 -3.06 47.25
N THR B 322 -9.01 -3.66 46.24
CA THR B 322 -8.46 -4.82 45.55
C THR B 322 -7.92 -4.45 44.16
N THR B 323 -6.71 -4.91 43.87
CA THR B 323 -6.05 -4.62 42.59
C THR B 323 -5.58 -5.90 41.90
N VAL B 324 -5.80 -5.97 40.59
CA VAL B 324 -5.27 -7.07 39.77
C VAL B 324 -4.13 -6.59 38.87
N GLY B 325 -3.25 -7.52 38.49
CA GLY B 325 -2.14 -7.22 37.60
C GLY B 325 -1.96 -8.28 36.53
N TRP B 326 -0.87 -8.17 35.76
CA TRP B 326 -0.51 -9.22 34.81
C TRP B 326 0.38 -10.26 35.46
N ASP B 327 0.75 -10.00 36.71
CA ASP B 327 1.53 -10.93 37.52
C ASP B 327 0.61 -11.93 38.23
N HIS B 328 -0.62 -12.03 37.74
CA HIS B 328 -1.63 -12.95 38.26
C HIS B 328 -1.87 -12.81 39.76
N GLN B 329 -1.61 -11.61 40.28
CA GLN B 329 -1.71 -11.34 41.71
C GLN B 329 -2.98 -10.55 42.01
N VAL B 330 -3.80 -11.07 42.92
CA VAL B 330 -4.97 -10.35 43.41
C VAL B 330 -4.65 -9.84 44.80
N VAL B 331 -4.43 -8.53 44.91
CA VAL B 331 -3.94 -7.93 46.15
C VAL B 331 -5.00 -7.04 46.79
N HIS B 332 -5.12 -7.12 48.11
CA HIS B 332 -6.05 -6.30 48.87
C HIS B 332 -5.31 -5.28 49.73
N HIS B 333 -5.62 -4.01 49.52
CA HIS B 333 -4.94 -2.90 50.19
C HIS B 333 -5.83 -2.28 51.25
N VAL B 334 -5.23 -1.90 52.38
CA VAL B 334 -5.92 -1.16 53.43
C VAL B 334 -5.49 0.30 53.43
N VAL B 335 -6.44 1.18 53.10
CA VAL B 335 -6.15 2.60 52.89
C VAL B 335 -6.41 3.41 54.17
N PRO B 336 -5.36 4.09 54.68
CA PRO B 336 -5.47 4.97 55.85
C PRO B 336 -6.33 6.21 55.56
#